data_3L4V
#
_entry.id   3L4V
#
_cell.length_a   91.278
_cell.length_b   109.693
_cell.length_c   110.075
_cell.angle_alpha   90.000
_cell.angle_beta   90.000
_cell.angle_gamma   90.000
#
_symmetry.space_group_name_H-M   'P 21 21 21'
#
loop_
_entity.id
_entity.type
_entity.pdbx_description
1 polymer 'Maltase-glucoamylase, intestinal'
2 branched 2-acetamido-2-deoxy-beta-D-glucopyranose-(1-4)-2-acetamido-2-deoxy-beta-D-glucopyranose
3 non-polymer '(1S,2R,3R,4S)-1-{(1S)-2-[(2R,3S,4S)-3,4-dihydroxy-2-(hydroxymethyl)tetrahydrothiophenium-1-yl]-1-hydroxyethyl}-2,3,4,5-tetrahydroxypentyl sulfate'
4 non-polymer 2-acetamido-2-deoxy-beta-D-glucopyranose
5 water water
#
_entity_poly.entity_id   1
_entity_poly.type   'polypeptide(L)'
_entity_poly.pdbx_seq_one_letter_code
;SAECPVVNELERINCIPDQPPTKATCDQRGCCWNPQGAVSVPWCYYSKNHSYHVEGNLVNTNAGFTARLKNLPSSPVFGS
NVDNVLLTAEYQTSNRFHFKLTDQTNNRFEVPHEHVQSFSGNAAASLTYQVEISRQPFSIKVTRRSNNRVLFDSSIGPLL
FADQFLQLSTRLPSTNVYGLGEHVHQQYRHDMNWKTWPIFNRDTTPNGNGTNLYGAQTFFLCLEDASGLSFGVFLMNSNA
MEVVLQPAPAITYRTIGGILDFYVFLGNTPEQVVQEYLELIGRPALPSYWALGFHLSRYEYGTLDNMREVVERNRAAQLP
YDVQHADIDYMDERRDFTYDSVDFKGFPEFVNELHNNGQKLVIIVDPAISNNSSSSKPYGPYDRGSDMKIWVNSSDGVTP
LIGEVWPGQTVFPDYTNPNCAVWWTKEFELFHNQVEFDGIWIDMNEVSNFVDGSVSGCSTNNLNNPPFTPRILDGYLFCK
TLCMDAVQHWGKQYDIHNLYGYSMAVATAEAAKTVFPNKRSFILTRSTFAGSGKFAAHWLGDNTATWDDLRWSIPGVLEF
NLFGIPMVGPDICGFALDTPEELCRRWMQLGAFYPFSRNHNGQGYKDQDPASFGADSLLLNSSRHYLNIRYTLLPYLYTL
FFRAHSRGDTVARPLLHEFYEDNSTWDVHQQFLWGPGLLITPVLDEGAEKVMAYVPDAVWYDYETGSQVRWRKQKVEMEL
PGDKIGLHLRGGYIFPTQQPNTTTLASRKNPLGLIIALDENKEAKGELFWDDGETKDTVANKVYLLCEFSVTQNRLEVNI
SQSTYKDPNNLAFNEIKILGTEEPSNVTVKHNGVPSQTSPTVTYDSNLKVAIITDIDLLLGEAYTVEWAHHHHHH
;
_entity_poly.pdbx_strand_id   A
#
# COMPACT_ATOMS: atom_id res chain seq x y z
N VAL A 7 34.63 4.86 19.30
CA VAL A 7 33.22 4.64 18.85
C VAL A 7 32.42 3.90 19.93
N ASN A 8 31.37 4.56 20.45
CA ASN A 8 30.26 3.88 21.15
C ASN A 8 29.81 2.71 20.27
N GLU A 9 29.64 1.52 20.85
CA GLU A 9 29.32 0.32 20.05
C GLU A 9 28.02 0.32 19.20
N LEU A 10 27.01 1.08 19.63
CA LEU A 10 25.74 1.20 18.91
C LEU A 10 25.89 1.95 17.60
N GLU A 11 27.01 2.68 17.47
CA GLU A 11 27.27 3.54 16.31
C GLU A 11 28.29 3.00 15.34
N ARG A 12 28.77 1.77 15.55
CA ARG A 12 29.72 1.20 14.59
C ARG A 12 29.00 0.82 13.32
N ILE A 13 29.57 1.21 12.18
CA ILE A 13 29.04 0.93 10.86
C ILE A 13 29.86 -0.24 10.26
N ASN A 14 29.18 -1.33 9.96
CA ASN A 14 29.81 -2.61 9.64
C ASN A 14 30.59 -2.54 8.35
N CYS A 15 31.89 -2.84 8.47
CA CYS A 15 32.82 -2.88 7.34
C CYS A 15 32.93 -4.29 6.70
N ILE A 16 32.36 -5.30 7.36
CA ILE A 16 32.34 -6.65 6.77
C ILE A 16 30.91 -7.20 6.76
N PRO A 17 30.05 -6.67 5.87
CA PRO A 17 28.65 -7.14 5.78
C PRO A 17 28.54 -8.47 5.02
N ASP A 18 29.66 -8.92 4.42
CA ASP A 18 29.67 -9.98 3.41
C ASP A 18 30.13 -11.38 3.88
N GLN A 19 30.76 -11.46 5.06
CA GLN A 19 31.38 -12.71 5.55
C GLN A 19 31.57 -12.64 7.06
N PRO A 20 31.79 -13.77 7.76
CA PRO A 20 32.13 -13.65 9.20
C PRO A 20 33.42 -12.81 9.43
N PRO A 21 33.43 -11.97 10.48
CA PRO A 21 34.48 -10.96 10.60
C PRO A 21 35.85 -11.54 11.00
N THR A 22 36.91 -11.14 10.29
CA THR A 22 38.29 -11.54 10.65
C THR A 22 39.18 -10.32 10.69
N LYS A 23 40.19 -10.34 11.54
CA LYS A 23 41.15 -9.24 11.59
C LYS A 23 41.87 -9.04 10.27
N ALA A 24 42.21 -10.13 9.59
CA ALA A 24 42.93 -10.04 8.34
C ALA A 24 42.14 -9.30 7.24
N THR A 25 40.86 -9.61 7.09
CA THR A 25 40.00 -8.89 6.14
C THR A 25 39.83 -7.41 6.53
N CYS A 26 39.69 -7.15 7.83
CA CYS A 26 39.58 -5.79 8.37
C CYS A 26 40.81 -4.93 8.03
N ASP A 27 42.00 -5.44 8.33
CA ASP A 27 43.26 -4.75 8.02
C ASP A 27 43.37 -4.51 6.52
N GLN A 28 43.11 -5.53 5.72
CA GLN A 28 43.11 -5.39 4.25
C GLN A 28 42.16 -4.29 3.74
N ARG A 29 41.04 -4.08 4.44
CA ARG A 29 40.05 -3.07 4.04
C ARG A 29 40.35 -1.71 4.66
N GLY A 30 41.30 -1.67 5.59
CA GLY A 30 41.65 -0.43 6.28
C GLY A 30 40.61 -0.01 7.29
N CYS A 31 39.86 -0.95 7.85
CA CYS A 31 38.81 -0.63 8.84
C CYS A 31 39.31 -0.79 10.24
N CYS A 32 38.45 -0.65 11.24
CA CYS A 32 38.83 -0.77 12.62
C CYS A 32 38.36 -2.08 13.17
N TRP A 33 39.17 -2.68 14.05
CA TRP A 33 38.92 -4.00 14.61
C TRP A 33 38.71 -3.89 16.10
N ASN A 34 37.61 -4.46 16.59
CA ASN A 34 37.35 -4.55 18.00
C ASN A 34 36.40 -5.71 18.28
N PRO A 35 36.94 -6.93 18.43
CA PRO A 35 36.12 -8.12 18.58
C PRO A 35 35.35 -8.16 19.89
N GLN A 36 35.38 -7.08 20.65
CA GLN A 36 34.56 -7.00 21.86
C GLN A 36 33.26 -6.19 21.63
N GLY A 37 32.12 -6.79 21.97
CA GLY A 37 30.81 -6.17 21.77
C GLY A 37 29.69 -7.18 21.91
N ALA A 38 28.51 -6.68 22.33
CA ALA A 38 27.31 -7.51 22.42
C ALA A 38 26.95 -8.18 21.08
N VAL A 39 26.08 -9.17 21.11
CA VAL A 39 25.67 -9.86 19.89
C VAL A 39 25.24 -8.89 18.76
N SER A 40 25.68 -9.17 17.54
CA SER A 40 25.34 -8.35 16.33
C SER A 40 26.15 -7.06 16.14
N VAL A 41 26.84 -6.64 17.19
CA VAL A 41 27.72 -5.49 17.11
C VAL A 41 28.88 -5.88 16.18
N PRO A 42 29.13 -5.07 15.14
CA PRO A 42 30.19 -5.38 14.19
C PRO A 42 31.59 -5.35 14.85
N TRP A 43 32.30 -6.46 14.71
CA TRP A 43 33.72 -6.54 15.09
C TRP A 43 34.58 -5.63 14.24
N CYS A 44 34.13 -5.44 13.00
CA CYS A 44 34.89 -4.64 12.05
C CYS A 44 34.02 -3.53 11.45
N TYR A 45 34.52 -2.29 11.56
CA TYR A 45 33.71 -1.09 11.28
C TYR A 45 34.53 0.02 10.66
N TYR A 46 33.87 0.92 9.93
CA TYR A 46 34.58 1.97 9.24
C TYR A 46 35.14 2.98 10.26
N SER A 47 36.34 3.49 9.99
CA SER A 47 36.98 4.49 10.88
C SER A 47 36.25 5.83 10.87
N LYS A 48 36.50 6.66 11.90
CA LYS A 48 36.08 8.09 11.94
C LYS A 48 36.36 8.74 10.59
N ASN A 49 37.64 8.71 10.17
CA ASN A 49 38.03 9.31 8.91
C ASN A 49 38.14 8.28 7.79
N HIS A 50 38.57 8.73 6.61
CA HIS A 50 38.42 8.01 5.32
C HIS A 50 36.99 8.17 4.84
N SER A 51 36.79 8.03 3.52
CA SER A 51 35.50 8.20 2.83
C SER A 51 35.77 9.17 1.66
N TYR A 52 34.97 10.25 1.60
CA TYR A 52 35.17 11.35 0.67
C TYR A 52 35.37 12.64 1.49
N HIS A 53 36.00 13.64 0.90
CA HIS A 53 36.09 14.95 1.53
C HIS A 53 35.53 15.96 0.54
N VAL A 54 35.08 17.12 1.03
CA VAL A 54 34.64 18.15 0.11
C VAL A 54 35.87 18.83 -0.48
N GLU A 55 35.88 18.98 -1.80
CA GLU A 55 36.97 19.69 -2.47
C GLU A 55 36.57 21.14 -2.82
N GLY A 56 37.31 22.11 -2.30
CA GLY A 56 37.00 23.53 -2.54
C GLY A 56 35.65 23.91 -1.92
N ASN A 57 34.97 24.90 -2.52
CA ASN A 57 33.75 25.46 -1.93
C ASN A 57 32.48 24.90 -2.55
N LEU A 58 31.38 25.02 -1.80
CA LEU A 58 30.03 24.84 -2.35
C LEU A 58 29.69 26.00 -3.27
N VAL A 59 28.87 25.69 -4.27
CA VAL A 59 28.44 26.62 -5.31
C VAL A 59 26.95 26.80 -5.17
N ASN A 60 26.49 28.02 -4.90
CA ASN A 60 25.07 28.35 -4.99
C ASN A 60 24.53 28.19 -6.37
N THR A 61 23.38 27.56 -6.47
CA THR A 61 22.66 27.44 -7.71
C THR A 61 21.27 28.02 -7.43
N ASN A 62 20.47 28.17 -8.49
CA ASN A 62 19.09 28.62 -8.37
C ASN A 62 18.26 27.72 -7.46
N ALA A 63 18.41 26.40 -7.59
CA ALA A 63 17.66 25.41 -6.80
C ALA A 63 18.22 25.17 -5.39
N GLY A 64 19.52 25.39 -5.20
CA GLY A 64 20.17 25.10 -3.91
C GLY A 64 21.70 25.25 -4.01
N PHE A 65 22.41 24.13 -4.09
CA PHE A 65 23.88 24.17 -4.17
C PHE A 65 24.46 22.86 -4.71
N THR A 66 25.69 22.92 -5.21
CA THR A 66 26.45 21.73 -5.62
C THR A 66 27.75 21.70 -4.83
N ALA A 67 28.34 20.52 -4.65
CA ALA A 67 29.66 20.35 -4.07
C ALA A 67 30.37 19.24 -4.83
N ARG A 68 31.69 19.36 -4.98
CA ARG A 68 32.53 18.29 -5.52
C ARG A 68 33.12 17.54 -4.35
N LEU A 69 32.94 16.23 -4.35
CA LEU A 69 33.53 15.36 -3.32
C LEU A 69 34.63 14.55 -3.98
N LYS A 70 35.76 14.39 -3.30
CA LYS A 70 36.92 13.71 -3.87
C LYS A 70 37.24 12.55 -2.96
N ASN A 71 37.49 11.38 -3.57
CA ASN A 71 37.72 10.15 -2.81
C ASN A 71 39.03 10.12 -2.01
N LEU A 72 38.95 9.87 -0.71
CA LEU A 72 40.14 9.63 0.12
C LEU A 72 40.65 8.19 -0.10
N PRO A 73 41.78 8.01 -0.83
CA PRO A 73 42.14 6.69 -1.39
C PRO A 73 42.23 5.57 -0.36
N SER A 74 41.84 4.38 -0.81
CA SER A 74 41.85 3.14 -0.03
C SER A 74 41.80 2.05 -1.07
N SER A 75 42.02 0.81 -0.64
CA SER A 75 42.01 -0.33 -1.57
C SER A 75 40.54 -0.72 -1.78
N PRO A 76 40.19 -1.17 -3.01
CA PRO A 76 38.83 -1.60 -3.32
C PRO A 76 38.33 -2.68 -2.38
N VAL A 77 37.11 -2.50 -1.86
CA VAL A 77 36.38 -3.53 -1.13
C VAL A 77 35.58 -4.32 -2.20
N PHE A 78 34.47 -3.72 -2.63
CA PHE A 78 33.62 -4.26 -3.70
C PHE A 78 33.67 -3.30 -4.86
N GLY A 79 34.78 -3.33 -5.59
CA GLY A 79 35.08 -2.35 -6.63
C GLY A 79 35.69 -1.13 -5.97
N SER A 80 36.29 -0.25 -6.75
CA SER A 80 36.92 0.94 -6.15
C SER A 80 36.00 2.15 -6.24
N ASN A 81 35.92 2.92 -5.14
CA ASN A 81 35.10 4.13 -5.14
C ASN A 81 35.41 4.96 -6.39
N VAL A 82 34.36 5.45 -7.02
CA VAL A 82 34.42 6.50 -8.01
C VAL A 82 35.27 7.68 -7.45
N ASP A 83 36.20 8.19 -8.28
CA ASP A 83 37.15 9.25 -7.85
C ASP A 83 36.46 10.57 -7.48
N ASN A 84 35.55 11.02 -8.32
CA ASN A 84 34.90 12.29 -8.10
C ASN A 84 33.39 12.17 -8.10
N VAL A 85 32.81 12.53 -6.97
CA VAL A 85 31.35 12.50 -6.79
C VAL A 85 30.76 13.93 -6.79
N LEU A 86 29.64 14.11 -7.48
CA LEU A 86 29.01 15.42 -7.49
C LEU A 86 27.80 15.37 -6.56
N LEU A 87 27.76 16.28 -5.60
CA LEU A 87 26.55 16.46 -4.76
C LEU A 87 25.67 17.59 -5.28
N THR A 88 24.46 17.28 -5.74
CA THR A 88 23.47 18.26 -6.15
C THR A 88 22.29 18.35 -5.15
N ALA A 89 22.09 19.53 -4.57
CA ALA A 89 21.10 19.76 -3.54
C ALA A 89 20.07 20.78 -4.00
N GLU A 90 18.79 20.39 -3.99
CA GLU A 90 17.72 21.27 -4.42
C GLU A 90 16.72 21.47 -3.26
N TYR A 91 16.42 22.72 -2.96
CA TYR A 91 15.43 23.07 -1.93
C TYR A 91 14.09 23.18 -2.62
N GLN A 92 13.46 22.04 -2.87
CA GLN A 92 12.31 21.99 -3.77
C GLN A 92 11.04 22.66 -3.24
N THR A 93 10.71 22.42 -1.99
CA THR A 93 9.56 23.07 -1.35
C THR A 93 9.98 23.40 0.09
N SER A 94 9.13 24.11 0.84
CA SER A 94 9.35 24.35 2.28
C SER A 94 9.53 23.10 3.13
N ASN A 95 8.95 21.99 2.67
CA ASN A 95 8.92 20.75 3.44
C ASN A 95 9.59 19.55 2.74
N ARG A 96 10.18 19.79 1.58
CA ARG A 96 10.83 18.71 0.81
C ARG A 96 12.19 19.15 0.33
N PHE A 97 13.21 18.44 0.82
CA PHE A 97 14.61 18.59 0.38
C PHE A 97 15.01 17.40 -0.50
N HIS A 98 15.69 17.70 -1.61
CA HIS A 98 16.21 16.68 -2.52
C HIS A 98 17.74 16.80 -2.62
N PHE A 99 18.46 15.70 -2.38
CA PHE A 99 19.89 15.65 -2.77
C PHE A 99 20.24 14.36 -3.55
N LYS A 100 21.08 14.51 -4.58
CA LYS A 100 21.61 13.36 -5.31
C LYS A 100 23.13 13.37 -5.43
N LEU A 101 23.70 12.16 -5.37
CA LEU A 101 25.14 11.96 -5.49
C LEU A 101 25.39 11.18 -6.77
N THR A 102 26.14 11.80 -7.67
CA THR A 102 26.38 11.21 -8.98
C THR A 102 27.90 11.03 -9.17
N ASP A 103 28.27 10.20 -10.13
CA ASP A 103 29.63 10.13 -10.57
C ASP A 103 29.84 11.39 -11.41
N GLN A 104 30.78 12.23 -10.97
CA GLN A 104 31.02 13.52 -11.62
C GLN A 104 31.44 13.37 -13.09
N THR A 105 32.08 12.25 -13.42
CA THR A 105 32.55 11.99 -14.79
C THR A 105 31.61 11.20 -15.70
N ASN A 106 30.91 10.18 -15.16
CA ASN A 106 30.03 9.33 -15.99
C ASN A 106 28.56 9.36 -15.59
N ASN A 107 27.68 9.25 -16.59
CA ASN A 107 26.26 9.07 -16.36
C ASN A 107 26.10 7.68 -15.80
N ARG A 108 25.18 7.52 -14.85
CA ARG A 108 24.93 6.24 -14.24
C ARG A 108 23.43 6.01 -14.40
N PHE A 109 22.98 4.76 -14.18
CA PHE A 109 21.56 4.45 -14.25
C PHE A 109 20.77 5.28 -13.21
N GLU A 110 19.65 5.87 -13.65
CA GLU A 110 18.71 6.60 -12.79
C GLU A 110 17.29 6.14 -13.10
N VAL A 111 16.49 5.90 -12.06
CA VAL A 111 15.13 5.35 -12.25
C VAL A 111 14.33 6.26 -13.20
N PRO A 112 13.79 5.72 -14.33
CA PRO A 112 12.95 6.54 -15.19
C PRO A 112 11.50 6.55 -14.70
N HIS A 113 11.29 7.24 -13.58
CA HIS A 113 10.03 7.17 -12.86
C HIS A 113 9.01 7.89 -13.73
N GLU A 114 7.79 7.38 -13.75
CA GLU A 114 6.72 7.95 -14.58
C GLU A 114 6.17 9.26 -13.93
N HIS A 115 6.19 9.37 -12.62
CA HIS A 115 5.55 10.56 -12.01
C HIS A 115 6.52 11.69 -11.66
N VAL A 116 7.66 11.33 -11.07
CA VAL A 116 8.57 12.35 -10.58
C VAL A 116 9.16 13.10 -11.78
N GLN A 117 9.14 14.43 -11.70
CA GLN A 117 9.71 15.27 -12.73
C GLN A 117 11.01 15.92 -12.26
N SER A 118 11.92 16.21 -13.19
CA SER A 118 13.14 16.93 -12.80
C SER A 118 12.78 18.31 -12.30
N PHE A 119 13.57 18.80 -11.35
CA PHE A 119 13.31 20.09 -10.73
C PHE A 119 13.99 21.19 -11.53
N SER A 120 13.20 22.21 -11.84
CA SER A 120 13.71 23.46 -12.37
C SER A 120 13.08 24.55 -11.49
N GLY A 121 13.59 25.76 -11.54
CA GLY A 121 13.13 26.76 -10.60
C GLY A 121 14.06 26.95 -9.42
N ASN A 122 13.65 27.83 -8.51
CA ASN A 122 14.53 28.34 -7.48
C ASN A 122 14.22 27.76 -6.13
N ALA A 123 15.21 27.79 -5.26
CA ALA A 123 15.05 27.35 -3.89
C ALA A 123 13.76 27.93 -3.32
N ALA A 124 12.97 27.09 -2.65
CA ALA A 124 11.72 27.52 -2.01
C ALA A 124 12.00 28.53 -0.91
N ALA A 125 11.01 29.38 -0.67
CA ALA A 125 11.05 30.33 0.42
C ALA A 125 10.47 29.65 1.66
N SER A 126 10.76 30.25 2.82
CA SER A 126 10.21 29.79 4.10
C SER A 126 10.45 28.29 4.38
N LEU A 127 11.69 27.85 4.22
CA LEU A 127 12.06 26.46 4.48
C LEU A 127 11.80 26.10 5.96
N THR A 128 11.30 24.90 6.20
CA THR A 128 11.13 24.42 7.57
C THR A 128 12.38 23.65 8.01
N TYR A 129 13.37 23.54 7.12
CA TYR A 129 14.57 22.76 7.43
C TYR A 129 15.81 23.58 7.07
N GLN A 130 16.94 23.23 7.65
CA GLN A 130 18.21 23.80 7.28
C GLN A 130 19.17 22.64 6.90
N VAL A 131 20.08 22.87 5.94
CA VAL A 131 21.01 21.84 5.48
C VAL A 131 22.47 22.24 5.80
N GLU A 132 23.22 21.32 6.42
CA GLU A 132 24.58 21.58 6.86
CA GLU A 132 24.59 21.57 6.88
C GLU A 132 25.51 20.55 6.23
N ILE A 133 26.60 21.03 5.64
CA ILE A 133 27.58 20.16 4.98
C ILE A 133 28.93 20.27 5.70
N SER A 134 29.48 19.13 6.09
CA SER A 134 30.84 19.05 6.60
C SER A 134 31.79 18.59 5.53
N ARG A 135 33.00 19.09 5.66
CA ARG A 135 34.03 19.09 4.65
C ARG A 135 34.89 17.83 4.76
N GLN A 136 35.37 17.58 5.99
CA GLN A 136 36.47 16.65 6.28
C GLN A 136 36.21 15.78 7.52
N PRO A 137 35.62 14.60 7.31
CA PRO A 137 35.23 14.06 6.00
C PRO A 137 33.84 14.55 5.59
N PHE A 138 33.42 14.25 4.36
CA PHE A 138 32.09 14.63 3.91
C PHE A 138 30.96 14.06 4.79
N SER A 139 30.04 14.97 5.18
CA SER A 139 28.76 14.59 5.77
C SER A 139 27.66 15.60 5.43
N ILE A 140 26.41 15.11 5.44
CA ILE A 140 25.26 15.94 5.15
C ILE A 140 24.27 15.82 6.28
N LYS A 141 23.77 16.97 6.73
CA LYS A 141 22.86 17.04 7.87
C LYS A 141 21.63 17.89 7.48
N VAL A 142 20.44 17.41 7.82
CA VAL A 142 19.18 18.15 7.61
C VAL A 142 18.56 18.31 8.98
N THR A 143 18.35 19.55 9.41
CA THR A 143 17.80 19.77 10.73
C THR A 143 16.48 20.55 10.64
N ARG A 144 15.62 20.34 11.60
CA ARG A 144 14.34 21.04 11.63
C ARG A 144 14.63 22.46 12.16
N ARG A 145 14.27 23.49 11.40
CA ARG A 145 14.56 24.87 11.81
C ARG A 145 14.01 25.29 13.18
N SER A 146 12.79 24.89 13.48
CA SER A 146 12.09 25.47 14.63
C SER A 146 12.68 25.03 15.96
N ASN A 147 13.11 23.78 16.03
CA ASN A 147 13.74 23.29 17.24
C ASN A 147 15.20 22.81 17.04
N ASN A 148 15.78 23.03 15.87
CA ASN A 148 17.11 22.46 15.52
C ASN A 148 17.27 20.93 15.74
N ARG A 149 16.18 20.20 15.67
CA ARG A 149 16.22 18.74 15.78
C ARG A 149 16.97 18.21 14.57
N VAL A 150 18.03 17.45 14.83
CA VAL A 150 18.74 16.81 13.76
C VAL A 150 17.92 15.63 13.25
N LEU A 151 17.55 15.70 11.98
CA LEU A 151 16.70 14.68 11.35
C LEU A 151 17.51 13.62 10.56
N PHE A 152 18.17 14.07 9.49
CA PHE A 152 19.08 13.26 8.65
C PHE A 152 20.47 13.72 9.09
N ASP A 153 21.38 12.78 9.36
CA ASP A 153 22.77 13.11 9.63
C ASP A 153 23.68 11.97 9.18
N SER A 154 24.33 12.11 8.04
CA SER A 154 25.16 11.04 7.50
C SER A 154 26.50 10.83 8.22
N SER A 155 26.84 11.71 9.17
CA SER A 155 28.20 11.72 9.79
C SER A 155 28.51 10.47 10.60
N ILE A 156 27.51 9.63 10.84
CA ILE A 156 27.75 8.36 11.54
C ILE A 156 28.63 7.39 10.71
N GLY A 157 28.64 7.52 9.39
CA GLY A 157 29.30 6.53 8.55
C GLY A 157 29.87 7.19 7.33
N PRO A 158 30.57 6.40 6.48
CA PRO A 158 31.14 6.93 5.26
C PRO A 158 30.08 7.08 4.16
N LEU A 159 30.42 7.80 3.10
CA LEU A 159 29.75 7.69 1.85
C LEU A 159 30.60 6.66 1.11
N LEU A 160 29.99 5.60 0.57
CA LEU A 160 30.73 4.65 -0.28
C LEU A 160 30.03 4.73 -1.62
N PHE A 161 30.82 4.75 -2.68
CA PHE A 161 30.29 4.98 -4.02
C PHE A 161 31.21 4.24 -5.01
N ALA A 162 31.10 2.89 -5.09
CA ALA A 162 31.73 2.10 -6.19
C ALA A 162 30.65 1.71 -7.21
N ASP A 163 31.04 1.22 -8.39
CA ASP A 163 30.08 0.97 -9.48
C ASP A 163 28.94 0.05 -9.01
N GLN A 164 29.24 -0.88 -8.11
CA GLN A 164 28.28 -1.89 -7.69
C GLN A 164 28.21 -2.01 -6.17
N PHE A 165 28.51 -0.92 -5.49
CA PHE A 165 28.41 -0.87 -4.05
C PHE A 165 28.39 0.58 -3.57
N LEU A 166 27.20 1.03 -3.15
CA LEU A 166 26.95 2.42 -2.76
C LEU A 166 26.30 2.38 -1.41
N GLN A 167 26.75 3.21 -0.49
CA GLN A 167 26.21 3.18 0.85
C GLN A 167 26.21 4.58 1.44
N LEU A 168 25.16 4.93 2.19
CA LEU A 168 25.06 6.15 2.99
C LEU A 168 24.20 5.83 4.23
N SER A 169 24.62 6.28 5.40
CA SER A 169 23.88 6.06 6.67
C SER A 169 23.28 7.39 7.15
N THR A 170 22.32 7.32 8.08
CA THR A 170 21.88 8.52 8.79
C THR A 170 21.51 8.20 10.24
N ARG A 171 21.89 9.06 11.18
CA ARG A 171 21.37 8.91 12.54
C ARG A 171 19.89 9.26 12.45
N LEU A 172 19.14 8.85 13.47
CA LEU A 172 17.72 9.12 13.57
C LEU A 172 17.47 9.76 14.93
N PRO A 173 16.49 10.69 15.01
CA PRO A 173 16.23 11.42 16.25
C PRO A 173 15.38 10.63 17.23
N SER A 174 14.79 9.51 16.80
CA SER A 174 14.03 8.62 17.71
C SER A 174 14.01 7.19 17.15
N THR A 175 13.40 6.29 17.90
CA THR A 175 13.17 4.92 17.44
C THR A 175 11.74 4.68 16.97
N ASN A 176 10.95 5.76 16.77
CA ASN A 176 9.63 5.60 16.16
C ASN A 176 9.75 5.60 14.64
N VAL A 177 10.06 4.45 14.07
CA VAL A 177 10.41 4.33 12.64
C VAL A 177 9.45 3.30 12.03
N TYR A 178 8.83 3.63 10.89
CA TYR A 178 7.78 2.84 10.28
C TYR A 178 8.01 2.87 8.79
N GLY A 179 7.85 1.73 8.11
CA GLY A 179 7.95 1.69 6.67
C GLY A 179 8.94 0.65 6.20
N LEU A 180 9.50 0.87 5.02
CA LEU A 180 10.30 -0.14 4.27
C LEU A 180 9.46 -1.29 3.78
N GLY A 181 9.81 -1.87 2.65
CA GLY A 181 9.04 -2.96 2.10
C GLY A 181 9.68 -3.52 0.83
N GLU A 182 9.16 -4.64 0.34
CA GLU A 182 8.01 -5.33 0.92
C GLU A 182 8.45 -6.47 1.80
N HIS A 183 8.01 -6.47 3.06
CA HIS A 183 8.38 -7.51 4.00
C HIS A 183 7.21 -7.86 4.96
N VAL A 184 7.35 -8.97 5.68
CA VAL A 184 6.60 -9.22 6.93
C VAL A 184 7.51 -8.82 8.11
N HIS A 185 7.25 -7.62 8.65
CA HIS A 185 8.08 -7.08 9.72
C HIS A 185 7.56 -7.63 11.04
N GLN A 186 6.31 -8.07 11.06
CA GLN A 186 5.68 -8.65 12.26
C GLN A 186 5.20 -7.61 13.27
N GLN A 187 6.05 -6.62 13.55
CA GLN A 187 5.72 -5.48 14.39
C GLN A 187 5.59 -4.29 13.43
N TYR A 188 4.86 -3.24 13.80
CA TYR A 188 4.76 -2.07 12.96
C TYR A 188 5.92 -1.10 13.24
N ARG A 189 6.16 -0.79 14.51
CA ARG A 189 7.34 0.01 14.83
C ARG A 189 8.60 -0.87 14.74
N HIS A 190 9.59 -0.44 13.96
CA HIS A 190 10.92 -1.09 13.94
C HIS A 190 11.64 -0.86 15.28
N ASP A 191 11.91 -1.92 16.04
CA ASP A 191 12.63 -1.89 17.35
C ASP A 191 13.95 -1.05 17.37
N MET A 192 14.65 -1.07 16.21
CA MET A 192 15.96 -0.45 15.95
C MET A 192 17.15 -1.29 16.43
N ASN A 193 16.86 -2.50 16.88
N ASN A 193 16.86 -2.51 16.87
CA ASN A 193 17.93 -3.46 17.11
CA ASN A 193 17.93 -3.45 17.15
C ASN A 193 18.44 -3.96 15.77
C ASN A 193 18.82 -3.48 15.92
N TRP A 194 19.65 -4.49 15.80
CA TRP A 194 20.47 -4.73 14.61
C TRP A 194 19.71 -5.61 13.64
N LYS A 195 19.25 -5.06 12.52
CA LYS A 195 18.29 -5.74 11.65
C LYS A 195 18.62 -5.30 10.23
N THR A 196 18.69 -6.25 9.30
CA THR A 196 18.95 -5.96 7.90
C THR A 196 17.74 -6.44 7.07
N TRP A 197 17.16 -5.55 6.25
CA TRP A 197 16.00 -5.85 5.41
C TRP A 197 16.40 -5.78 3.94
N PRO A 198 16.48 -6.94 3.25
CA PRO A 198 16.80 -6.93 1.82
C PRO A 198 15.58 -6.49 1.02
N ILE A 199 15.85 -5.78 -0.08
CA ILE A 199 14.78 -5.32 -0.94
C ILE A 199 15.10 -5.69 -2.38
N PHE A 200 14.31 -6.60 -2.93
CA PHE A 200 14.50 -7.04 -4.27
C PHE A 200 13.29 -7.89 -4.59
N ASN A 201 12.49 -7.41 -5.54
CA ASN A 201 11.22 -8.05 -5.92
C ASN A 201 11.36 -9.54 -6.22
N ARG A 202 10.63 -10.34 -5.44
CA ARG A 202 10.81 -11.76 -5.48
C ARG A 202 9.50 -12.51 -5.11
N ASP A 203 9.18 -13.52 -5.90
CA ASP A 203 8.10 -14.43 -5.56
C ASP A 203 8.53 -15.34 -4.42
N THR A 204 8.15 -14.99 -3.19
CA THR A 204 8.42 -15.85 -2.05
C THR A 204 7.32 -15.66 -1.04
N THR A 205 7.15 -16.66 -0.17
CA THR A 205 6.12 -16.67 0.86
C THR A 205 6.33 -15.56 1.88
N PRO A 206 5.28 -14.77 2.14
CA PRO A 206 5.33 -13.84 3.25
C PRO A 206 5.21 -14.59 4.58
N ASN A 207 6.36 -14.96 5.12
CA ASN A 207 6.39 -15.78 6.33
C ASN A 207 7.22 -15.10 7.38
N GLY A 208 7.59 -15.85 8.42
CA GLY A 208 8.31 -15.34 9.56
C GLY A 208 9.80 -15.16 9.40
N ASN A 209 10.35 -15.41 8.20
CA ASN A 209 11.78 -15.36 7.98
C ASN A 209 12.36 -14.01 7.57
N GLY A 210 11.51 -13.00 7.39
CA GLY A 210 11.98 -11.65 7.11
C GLY A 210 12.71 -11.44 5.79
N THR A 211 12.32 -12.17 4.75
CA THR A 211 13.02 -12.06 3.45
C THR A 211 12.47 -10.90 2.62
N ASN A 212 13.18 -10.56 1.52
CA ASN A 212 12.60 -9.76 0.45
C ASN A 212 11.33 -10.40 -0.11
N LEU A 213 10.29 -9.58 -0.30
CA LEU A 213 9.06 -10.10 -0.93
C LEU A 213 8.81 -9.45 -2.27
N TYR A 214 7.53 -9.28 -2.65
CA TYR A 214 7.11 -8.97 -4.02
C TYR A 214 7.46 -7.58 -4.55
N GLY A 215 7.57 -6.61 -3.64
CA GLY A 215 7.75 -5.20 -4.02
C GLY A 215 8.92 -4.48 -3.38
N ALA A 216 9.22 -3.30 -3.91
CA ALA A 216 10.37 -2.53 -3.45
C ALA A 216 9.93 -1.16 -2.94
N GLN A 217 10.08 -0.94 -1.65
CA GLN A 217 9.59 0.32 -1.05
C GLN A 217 10.63 0.89 -0.09
N THR A 218 11.28 1.97 -0.46
CA THR A 218 12.38 2.47 0.36
C THR A 218 11.94 3.52 1.39
N PHE A 219 10.69 3.94 1.32
CA PHE A 219 10.18 5.00 2.22
C PHE A 219 10.07 4.56 3.66
N PHE A 220 10.49 5.44 4.57
CA PHE A 220 10.18 5.30 5.99
C PHE A 220 9.78 6.65 6.61
N LEU A 221 8.93 6.59 7.61
CA LEU A 221 8.48 7.76 8.35
C LEU A 221 9.07 7.66 9.76
N CYS A 222 9.44 8.79 10.36
CA CYS A 222 9.91 8.76 11.75
C CYS A 222 9.09 9.80 12.57
N LEU A 223 8.47 9.36 13.65
CA LEU A 223 7.78 10.29 14.57
C LEU A 223 8.83 10.78 15.55
N GLU A 224 9.13 12.08 15.53
CA GLU A 224 10.27 12.60 16.29
C GLU A 224 10.04 12.66 17.80
N ASP A 225 8.83 13.07 18.19
CA ASP A 225 8.45 13.27 19.60
C ASP A 225 6.92 13.33 19.73
N ALA A 226 6.45 13.43 21.00
CA ALA A 226 5.01 13.54 21.32
C ALA A 226 4.30 14.74 20.68
N SER A 227 5.03 15.80 20.32
CA SER A 227 4.36 16.94 19.70
C SER A 227 3.79 16.60 18.31
N GLY A 228 4.20 15.48 17.73
CA GLY A 228 3.70 15.08 16.38
C GLY A 228 4.69 15.34 15.29
N LEU A 229 5.72 16.14 15.57
CA LEU A 229 6.67 16.53 14.51
C LEU A 229 7.31 15.24 13.94
N SER A 230 7.37 15.13 12.62
CA SER A 230 7.71 13.88 12.00
C SER A 230 8.48 14.23 10.69
N PHE A 231 9.23 13.27 10.16
CA PHE A 231 9.89 13.49 8.88
C PHE A 231 9.90 12.11 8.17
N GLY A 232 10.16 12.12 6.87
CA GLY A 232 10.27 10.87 6.15
C GLY A 232 11.49 10.94 5.27
N VAL A 233 11.95 9.78 4.79
CA VAL A 233 13.08 9.68 3.88
C VAL A 233 12.68 8.73 2.76
N PHE A 234 13.01 9.11 1.52
CA PHE A 234 12.81 8.22 0.38
C PHE A 234 14.13 8.10 -0.46
N LEU A 235 14.52 6.86 -0.82
CA LEU A 235 15.62 6.63 -1.81
C LEU A 235 15.06 6.18 -3.14
N MET A 236 15.27 6.99 -4.18
CA MET A 236 14.88 6.68 -5.53
C MET A 236 16.00 5.83 -6.18
N ASN A 237 15.90 4.52 -6.02
CA ASN A 237 16.93 3.61 -6.56
C ASN A 237 16.26 2.25 -6.72
N SER A 238 16.35 1.65 -7.91
CA SER A 238 15.71 0.38 -8.20
C SER A 238 16.63 -0.87 -8.19
N ASN A 239 17.90 -0.69 -7.78
CA ASN A 239 18.83 -1.82 -7.72
C ASN A 239 18.57 -2.65 -6.48
N ALA A 240 18.97 -3.92 -6.50
CA ALA A 240 18.98 -4.74 -5.28
C ALA A 240 19.68 -3.98 -4.14
N MET A 241 19.10 -4.05 -2.96
CA MET A 241 19.65 -3.26 -1.90
C MET A 241 19.25 -3.92 -0.59
N GLU A 242 19.86 -3.52 0.51
CA GLU A 242 19.32 -3.80 1.84
C GLU A 242 19.43 -2.55 2.70
N VAL A 243 18.60 -2.51 3.74
CA VAL A 243 18.52 -1.40 4.66
C VAL A 243 18.89 -1.95 6.04
N VAL A 244 19.89 -1.36 6.68
CA VAL A 244 20.45 -1.88 7.93
C VAL A 244 20.01 -0.95 9.06
N LEU A 245 19.43 -1.49 10.11
CA LEU A 245 18.93 -0.68 11.22
C LEU A 245 19.78 -1.03 12.40
N GLN A 246 20.19 -0.04 13.18
CA GLN A 246 20.95 -0.34 14.41
C GLN A 246 20.59 0.62 15.54
N PRO A 247 20.87 0.26 16.83
CA PRO A 247 20.35 0.98 18.00
C PRO A 247 20.96 2.33 18.36
N ALA A 248 21.78 2.90 17.49
CA ALA A 248 22.36 4.21 17.71
C ALA A 248 21.35 5.28 18.18
N PRO A 249 20.12 5.40 17.57
CA PRO A 249 19.57 4.71 16.38
C PRO A 249 20.08 5.23 15.04
N ALA A 250 20.09 4.37 14.05
CA ALA A 250 20.58 4.79 12.73
C ALA A 250 20.07 3.81 11.70
N ILE A 251 20.06 4.24 10.44
CA ILE A 251 19.65 3.44 9.33
C ILE A 251 20.68 3.62 8.22
N THR A 252 21.12 2.50 7.64
CA THR A 252 22.02 2.52 6.46
C THR A 252 21.29 1.96 5.24
N TYR A 253 21.39 2.63 4.09
CA TYR A 253 20.97 2.11 2.79
C TYR A 253 22.23 1.58 2.07
N ARG A 254 22.18 0.32 1.65
CA ARG A 254 23.34 -0.29 0.97
C ARG A 254 22.88 -0.86 -0.38
N THR A 255 23.23 -0.25 -1.50
CA THR A 255 22.70 -0.69 -2.80
C THR A 255 23.83 -1.11 -3.76
N ILE A 256 23.48 -1.82 -4.85
CA ILE A 256 24.53 -2.39 -5.72
C ILE A 256 24.56 -1.80 -7.13
N GLY A 257 23.88 -0.68 -7.32
CA GLY A 257 24.02 0.05 -8.57
C GLY A 257 23.29 1.36 -8.48
N GLY A 258 23.16 2.02 -9.63
CA GLY A 258 22.43 3.26 -9.72
C GLY A 258 23.18 4.38 -9.02
N ILE A 259 22.41 5.28 -8.41
CA ILE A 259 22.98 6.44 -7.72
C ILE A 259 22.16 6.64 -6.42
N LEU A 260 22.72 7.41 -5.50
CA LEU A 260 22.05 7.69 -4.24
C LEU A 260 21.26 8.98 -4.43
N ASP A 261 19.97 8.84 -4.62
CA ASP A 261 19.10 9.96 -4.99
C ASP A 261 18.04 10.05 -3.89
N PHE A 262 18.22 11.00 -2.96
CA PHE A 262 17.49 11.04 -1.68
C PHE A 262 16.49 12.23 -1.59
N TYR A 263 15.37 11.99 -0.94
CA TYR A 263 14.40 13.03 -0.60
C TYR A 263 14.19 13.00 0.93
N VAL A 264 14.10 14.18 1.54
CA VAL A 264 13.80 14.25 2.94
C VAL A 264 12.53 15.15 3.05
N PHE A 265 11.52 14.67 3.78
CA PHE A 265 10.17 15.33 3.86
C PHE A 265 9.97 15.67 5.32
N LEU A 266 9.47 16.88 5.63
CA LEU A 266 9.12 17.28 7.01
C LEU A 266 7.63 17.55 7.13
N GLY A 267 7.07 17.30 8.32
CA GLY A 267 5.68 17.55 8.60
C GLY A 267 5.41 17.85 10.07
N ASN A 268 4.27 18.49 10.32
CA ASN A 268 3.86 18.76 11.71
C ASN A 268 3.28 17.54 12.41
N THR A 269 2.89 16.56 11.61
CA THR A 269 2.21 15.34 12.05
C THR A 269 2.65 14.15 11.14
N PRO A 270 2.51 12.90 11.59
CA PRO A 270 2.75 11.77 10.65
C PRO A 270 1.97 11.84 9.34
N GLU A 271 0.69 12.24 9.40
CA GLU A 271 -0.12 12.35 8.18
C GLU A 271 0.46 13.33 7.17
N GLN A 272 0.99 14.45 7.66
CA GLN A 272 1.59 15.45 6.75
C GLN A 272 2.86 14.92 6.09
N VAL A 273 3.62 14.07 6.78
CA VAL A 273 4.80 13.40 6.13
C VAL A 273 4.36 12.49 4.96
N VAL A 274 3.29 11.74 5.14
CA VAL A 274 2.75 10.86 4.09
C VAL A 274 2.26 11.72 2.94
N GLN A 275 1.56 12.80 3.27
CA GLN A 275 1.12 13.72 2.24
C GLN A 275 2.29 14.31 1.42
N GLU A 276 3.35 14.73 2.08
CA GLU A 276 4.55 15.24 1.36
C GLU A 276 5.20 14.17 0.48
N TYR A 277 5.33 12.95 1.01
CA TYR A 277 5.84 11.80 0.21
C TYR A 277 4.99 11.52 -1.02
N LEU A 278 3.67 11.44 -0.85
CA LEU A 278 2.77 11.20 -1.99
C LEU A 278 2.67 12.34 -3.00
N GLU A 279 2.94 13.55 -2.52
CA GLU A 279 3.00 14.73 -3.39
C GLU A 279 4.18 14.57 -4.33
N LEU A 280 5.26 13.99 -3.82
CA LEU A 280 6.38 13.64 -4.72
C LEU A 280 6.11 12.44 -5.65
N ILE A 281 5.87 11.25 -5.11
CA ILE A 281 5.91 10.07 -5.99
C ILE A 281 4.58 9.80 -6.70
N GLY A 282 3.51 10.49 -6.26
CA GLY A 282 2.19 10.26 -6.85
C GLY A 282 1.15 9.72 -5.88
N ARG A 283 0.02 10.44 -5.80
CA ARG A 283 -1.08 10.07 -4.93
C ARG A 283 -1.84 8.92 -5.52
N PRO A 284 -2.48 8.11 -4.66
CA PRO A 284 -3.17 6.93 -5.18
C PRO A 284 -4.36 7.24 -6.04
N ALA A 285 -4.67 6.32 -6.95
CA ALA A 285 -5.84 6.47 -7.82
C ALA A 285 -7.09 6.37 -6.96
N LEU A 286 -8.19 6.97 -7.39
CA LEU A 286 -9.46 6.79 -6.68
C LEU A 286 -10.06 5.47 -7.11
N PRO A 287 -10.37 4.57 -6.17
CA PRO A 287 -10.95 3.28 -6.61
C PRO A 287 -12.36 3.43 -7.18
N SER A 288 -12.79 2.47 -7.99
CA SER A 288 -14.18 2.41 -8.40
C SER A 288 -14.91 2.09 -7.11
N TYR A 289 -16.11 2.63 -6.94
CA TYR A 289 -16.84 2.39 -5.71
C TYR A 289 -17.10 0.89 -5.48
N TRP A 290 -17.39 0.16 -6.55
CA TRP A 290 -17.61 -1.28 -6.45
C TRP A 290 -16.39 -2.08 -5.96
N ALA A 291 -15.18 -1.54 -6.20
CA ALA A 291 -13.94 -2.23 -5.76
C ALA A 291 -13.80 -2.19 -4.24
N LEU A 292 -14.60 -1.33 -3.57
CA LEU A 292 -14.66 -1.29 -2.09
C LEU A 292 -15.56 -2.37 -1.46
N GLY A 293 -16.34 -3.07 -2.28
CA GLY A 293 -17.12 -4.17 -1.75
C GLY A 293 -16.28 -5.40 -1.55
N PHE A 294 -16.93 -6.50 -1.17
CA PHE A 294 -16.27 -7.76 -0.92
C PHE A 294 -15.98 -8.50 -2.23
N HIS A 295 -14.77 -9.04 -2.32
CA HIS A 295 -14.29 -9.80 -3.48
C HIS A 295 -14.16 -11.25 -3.03
N LEU A 296 -14.59 -12.19 -3.87
CA LEU A 296 -14.42 -13.60 -3.57
C LEU A 296 -13.63 -14.26 -4.70
N SER A 297 -12.83 -15.27 -4.38
CA SER A 297 -11.84 -15.82 -5.28
C SER A 297 -11.27 -17.16 -4.80
N ARG A 298 -10.78 -17.97 -5.74
CA ARG A 298 -9.89 -19.06 -5.36
C ARG A 298 -9.10 -19.51 -6.53
N TYR A 299 -7.94 -20.07 -6.24
CA TYR A 299 -7.14 -20.79 -7.20
C TYR A 299 -7.76 -22.18 -7.39
N GLU A 300 -8.24 -22.45 -8.59
CA GLU A 300 -8.77 -23.77 -8.95
C GLU A 300 -10.15 -24.05 -8.43
N TYR A 301 -11.11 -23.29 -8.94
CA TYR A 301 -12.49 -23.75 -8.97
C TYR A 301 -12.51 -25.01 -9.80
N GLY A 302 -11.68 -25.02 -10.85
CA GLY A 302 -11.50 -26.22 -11.68
C GLY A 302 -12.38 -26.12 -12.91
N THR A 303 -13.66 -25.83 -12.69
CA THR A 303 -14.63 -25.69 -13.78
C THR A 303 -15.55 -24.53 -13.46
N LEU A 304 -16.19 -23.98 -14.51
CA LEU A 304 -17.25 -23.00 -14.35
C LEU A 304 -18.45 -23.47 -13.48
N ASP A 305 -18.84 -24.74 -13.61
CA ASP A 305 -19.84 -25.36 -12.73
C ASP A 305 -19.51 -25.16 -11.24
N ASN A 306 -18.28 -25.45 -10.87
CA ASN A 306 -17.82 -25.29 -9.47
C ASN A 306 -17.76 -23.84 -9.08
N MET A 307 -17.33 -22.95 -9.98
CA MET A 307 -17.33 -21.51 -9.70
C MET A 307 -18.73 -20.98 -9.47
N ARG A 308 -19.65 -21.24 -10.41
CA ARG A 308 -21.06 -20.89 -10.27
C ARG A 308 -21.70 -21.42 -8.98
N GLU A 309 -21.34 -22.64 -8.59
CA GLU A 309 -21.83 -23.21 -7.36
C GLU A 309 -21.46 -22.36 -6.13
N VAL A 310 -20.18 -21.97 -6.03
CA VAL A 310 -19.69 -21.09 -4.97
C VAL A 310 -20.42 -19.73 -5.02
N VAL A 311 -20.49 -19.12 -6.19
CA VAL A 311 -21.14 -17.82 -6.37
C VAL A 311 -22.58 -17.91 -5.86
N GLU A 312 -23.30 -18.97 -6.28
CA GLU A 312 -24.72 -19.02 -5.99
CA GLU A 312 -24.73 -19.12 -6.02
C GLU A 312 -25.02 -19.33 -4.53
N ARG A 313 -24.19 -20.12 -3.85
CA ARG A 313 -24.43 -20.32 -2.42
C ARG A 313 -24.15 -19.06 -1.56
N ASN A 314 -23.24 -18.19 -2.04
CA ASN A 314 -22.97 -16.95 -1.32
C ASN A 314 -24.02 -15.89 -1.59
N ARG A 315 -24.52 -15.84 -2.84
CA ARG A 315 -25.70 -15.02 -3.16
C ARG A 315 -26.96 -15.46 -2.40
N ALA A 316 -27.19 -16.76 -2.29
CA ALA A 316 -28.37 -17.29 -1.61
C ALA A 316 -28.34 -16.91 -0.12
N ALA A 317 -27.12 -16.80 0.42
CA ALA A 317 -26.92 -16.43 1.82
C ALA A 317 -27.04 -14.92 2.09
N GLN A 318 -27.36 -14.13 1.07
CA GLN A 318 -27.44 -12.65 1.15
C GLN A 318 -26.13 -12.01 1.64
N LEU A 319 -25.00 -12.56 1.21
CA LEU A 319 -23.72 -11.97 1.54
C LEU A 319 -23.47 -10.71 0.68
N PRO A 320 -23.01 -9.61 1.31
CA PRO A 320 -22.57 -8.46 0.54
C PRO A 320 -21.36 -8.93 -0.26
N TYR A 321 -21.45 -8.82 -1.59
CA TYR A 321 -20.57 -9.58 -2.45
C TYR A 321 -20.63 -8.96 -3.84
N ASP A 322 -19.65 -8.11 -4.12
CA ASP A 322 -19.65 -7.32 -5.36
C ASP A 322 -18.82 -7.94 -6.47
N VAL A 323 -17.71 -8.62 -6.12
CA VAL A 323 -16.74 -9.01 -7.18
C VAL A 323 -16.35 -10.48 -7.07
N GLN A 324 -16.34 -11.16 -8.21
CA GLN A 324 -15.83 -12.49 -8.30
C GLN A 324 -14.56 -12.44 -9.12
N HIS A 325 -13.49 -13.07 -8.62
CA HIS A 325 -12.23 -13.17 -9.38
C HIS A 325 -12.13 -14.53 -10.04
N ALA A 326 -11.43 -14.59 -11.17
CA ALA A 326 -11.22 -15.83 -11.85
C ALA A 326 -9.72 -15.97 -12.04
N ASP A 327 -9.19 -17.05 -11.49
CA ASP A 327 -7.76 -17.36 -11.44
C ASP A 327 -7.41 -18.17 -12.71
N ILE A 328 -6.18 -18.67 -12.81
CA ILE A 328 -5.65 -19.29 -14.02
C ILE A 328 -6.40 -20.51 -14.55
N ASP A 329 -7.19 -21.18 -13.69
CA ASP A 329 -8.10 -22.25 -14.11
C ASP A 329 -9.13 -21.92 -15.22
N TYR A 330 -9.54 -20.65 -15.35
CA TYR A 330 -10.39 -20.21 -16.50
C TYR A 330 -9.73 -20.38 -17.85
N MET A 331 -8.41 -20.22 -17.87
CA MET A 331 -7.65 -20.25 -19.12
C MET A 331 -7.65 -21.63 -19.80
N ASP A 332 -7.42 -21.64 -21.10
CA ASP A 332 -7.10 -22.87 -21.81
C ASP A 332 -5.61 -23.23 -21.58
N GLU A 333 -5.39 -24.19 -20.71
CA GLU A 333 -4.01 -24.63 -20.34
C GLU A 333 -3.16 -23.51 -19.73
N ARG A 334 -3.77 -22.69 -18.87
CA ARG A 334 -3.05 -21.63 -18.15
CA ARG A 334 -3.07 -21.62 -18.15
C ARG A 334 -2.43 -20.57 -19.08
N ARG A 335 -3.03 -20.36 -20.25
CA ARG A 335 -2.51 -19.37 -21.17
C ARG A 335 -3.36 -18.12 -21.21
N ASP A 336 -2.71 -16.96 -21.09
CA ASP A 336 -3.40 -15.66 -21.15
C ASP A 336 -4.24 -15.56 -22.40
N PHE A 337 -5.38 -14.88 -22.26
CA PHE A 337 -6.23 -14.41 -23.36
C PHE A 337 -6.95 -15.55 -24.08
N THR A 338 -7.22 -16.60 -23.31
CA THR A 338 -7.98 -17.77 -23.77
C THR A 338 -8.88 -18.18 -22.59
N TYR A 339 -9.94 -18.92 -22.85
CA TYR A 339 -10.59 -19.64 -21.76
C TYR A 339 -10.84 -21.07 -22.18
N ASP A 340 -10.98 -21.97 -21.22
CA ASP A 340 -11.12 -23.39 -21.47
C ASP A 340 -12.54 -23.66 -22.00
N SER A 341 -12.62 -23.99 -23.28
CA SER A 341 -13.91 -24.21 -23.98
C SER A 341 -14.71 -25.42 -23.45
N VAL A 342 -14.06 -26.32 -22.71
CA VAL A 342 -14.75 -27.46 -22.09
C VAL A 342 -15.06 -27.14 -20.64
N ASP A 343 -14.01 -27.01 -19.82
CA ASP A 343 -14.24 -26.80 -18.38
C ASP A 343 -14.90 -25.46 -18.07
N PHE A 344 -14.68 -24.45 -18.92
CA PHE A 344 -15.34 -23.13 -18.79
C PHE A 344 -16.24 -22.81 -20.02
N LYS A 345 -16.83 -23.87 -20.60
CA LYS A 345 -17.87 -23.74 -21.63
C LYS A 345 -18.98 -22.94 -20.99
N GLY A 346 -19.39 -21.87 -21.65
CA GLY A 346 -20.50 -21.10 -21.12
C GLY A 346 -20.05 -19.87 -20.34
N PHE A 347 -18.74 -19.60 -20.33
CA PHE A 347 -18.17 -18.43 -19.62
C PHE A 347 -18.87 -17.09 -19.93
N PRO A 348 -19.04 -16.71 -21.24
CA PRO A 348 -19.68 -15.43 -21.55
C PRO A 348 -21.10 -15.30 -21.00
N GLU A 349 -21.85 -16.40 -21.01
CA GLU A 349 -23.21 -16.41 -20.48
CA GLU A 349 -23.20 -16.39 -20.47
C GLU A 349 -23.19 -16.22 -18.95
N PHE A 350 -22.22 -16.84 -18.28
CA PHE A 350 -22.02 -16.67 -16.81
C PHE A 350 -21.70 -15.21 -16.44
N VAL A 351 -20.89 -14.56 -17.28
CA VAL A 351 -20.54 -13.16 -17.06
C VAL A 351 -21.79 -12.26 -17.17
N ASN A 352 -22.67 -12.56 -18.13
CA ASN A 352 -23.94 -11.85 -18.26
C ASN A 352 -24.73 -12.00 -16.96
N GLU A 353 -24.81 -13.24 -16.47
CA GLU A 353 -25.49 -13.55 -15.19
CA GLU A 353 -25.50 -13.53 -15.20
C GLU A 353 -24.91 -12.73 -14.03
N LEU A 354 -23.59 -12.69 -13.94
CA LEU A 354 -22.87 -11.90 -12.93
C LEU A 354 -23.25 -10.43 -12.97
N HIS A 355 -23.17 -9.87 -14.17
CA HIS A 355 -23.51 -8.48 -14.41
C HIS A 355 -24.95 -8.15 -14.08
N ASN A 356 -25.87 -9.02 -14.50
CA ASN A 356 -27.30 -8.88 -14.24
CA ASN A 356 -27.29 -8.86 -14.21
C ASN A 356 -27.62 -8.95 -12.73
N ASN A 357 -26.79 -9.66 -11.97
CA ASN A 357 -26.88 -9.70 -10.51
C ASN A 357 -26.16 -8.52 -9.81
N GLY A 358 -25.73 -7.53 -10.56
CA GLY A 358 -25.01 -6.38 -10.02
C GLY A 358 -23.56 -6.63 -9.59
N GLN A 359 -23.00 -7.77 -9.99
CA GLN A 359 -21.65 -8.11 -9.60
C GLN A 359 -20.63 -7.79 -10.70
N LYS A 360 -19.33 -7.96 -10.39
CA LYS A 360 -18.26 -7.67 -11.35
C LYS A 360 -17.30 -8.84 -11.48
N LEU A 361 -16.61 -8.93 -12.61
CA LEU A 361 -15.65 -9.99 -12.86
C LEU A 361 -14.26 -9.41 -12.99
N VAL A 362 -13.33 -9.92 -12.20
CA VAL A 362 -11.92 -9.55 -12.32
C VAL A 362 -11.18 -10.84 -12.77
N ILE A 363 -10.40 -10.72 -13.82
CA ILE A 363 -9.63 -11.86 -14.33
C ILE A 363 -8.14 -11.71 -14.05
N ILE A 364 -7.48 -12.82 -13.73
CA ILE A 364 -6.04 -12.83 -13.61
C ILE A 364 -5.42 -12.82 -15.02
N VAL A 365 -4.29 -12.09 -15.13
CA VAL A 365 -3.48 -12.03 -16.33
C VAL A 365 -2.04 -12.05 -15.81
N ASP A 366 -1.27 -12.99 -16.34
CA ASP A 366 0.11 -13.13 -15.97
C ASP A 366 0.91 -12.42 -17.07
N PRO A 367 2.13 -11.96 -16.76
CA PRO A 367 2.93 -11.35 -17.83
C PRO A 367 3.50 -12.35 -18.85
N ALA A 368 3.84 -13.56 -18.41
CA ALA A 368 4.62 -14.45 -19.26
C ALA A 368 3.72 -15.12 -20.31
N ILE A 369 4.18 -15.07 -21.55
CA ILE A 369 3.44 -15.54 -22.74
C ILE A 369 4.09 -16.83 -23.31
N SER A 370 3.29 -17.90 -23.39
CA SER A 370 3.68 -19.14 -24.04
C SER A 370 4.27 -18.87 -25.42
N ASN A 371 5.47 -19.41 -25.67
CA ASN A 371 6.10 -19.32 -27.02
C ASN A 371 5.76 -20.54 -27.89
N ASN A 372 4.74 -21.28 -27.48
CA ASN A 372 4.32 -22.48 -28.19
C ASN A 372 3.28 -22.13 -29.24
N SER A 373 3.76 -21.89 -30.46
CA SER A 373 2.91 -21.49 -31.57
C SER A 373 3.45 -22.06 -32.89
N SER A 374 2.57 -22.67 -33.66
CA SER A 374 2.88 -23.18 -34.99
C SER A 374 1.79 -22.69 -35.91
N SER A 375 2.01 -22.80 -37.22
CA SER A 375 0.99 -22.44 -38.23
C SER A 375 -0.24 -23.34 -38.13
N SER A 376 0.01 -24.61 -37.79
CA SER A 376 -1.06 -25.59 -37.56
C SER A 376 -1.91 -25.11 -36.39
N LYS A 377 -1.29 -24.92 -35.22
CA LYS A 377 -1.98 -24.47 -34.00
C LYS A 377 -1.44 -23.10 -33.51
N PRO A 378 -2.07 -22.00 -33.97
CA PRO A 378 -1.63 -20.63 -33.68
C PRO A 378 -1.96 -20.20 -32.24
N TYR A 379 -1.03 -19.47 -31.61
CA TYR A 379 -1.30 -18.78 -30.33
C TYR A 379 -1.11 -17.29 -30.53
N GLY A 380 -2.24 -16.61 -30.73
CA GLY A 380 -2.27 -15.21 -31.15
C GLY A 380 -1.46 -14.22 -30.35
N PRO A 381 -1.56 -14.22 -28.98
CA PRO A 381 -0.75 -13.25 -28.20
C PRO A 381 0.76 -13.40 -28.44
N TYR A 382 1.25 -14.62 -28.58
CA TYR A 382 2.65 -14.80 -28.95
C TYR A 382 2.98 -14.37 -30.38
N ASP A 383 2.11 -14.71 -31.35
CA ASP A 383 2.36 -14.33 -32.74
C ASP A 383 2.35 -12.81 -32.90
N ARG A 384 1.35 -12.14 -32.33
CA ARG A 384 1.29 -10.68 -32.41
C ARG A 384 2.43 -10.00 -31.64
N GLY A 385 2.80 -10.59 -30.50
CA GLY A 385 3.93 -10.10 -29.72
C GLY A 385 5.26 -10.21 -30.45
N SER A 386 5.49 -11.36 -31.08
CA SER A 386 6.74 -11.54 -31.86
C SER A 386 6.78 -10.66 -33.11
N ASP A 387 5.61 -10.35 -33.69
CA ASP A 387 5.55 -9.42 -34.83
C ASP A 387 5.99 -8.03 -34.40
N MET A 388 5.62 -7.66 -33.18
CA MET A 388 5.94 -6.34 -32.64
C MET A 388 7.35 -6.22 -32.02
N LYS A 389 8.02 -7.36 -31.83
CA LYS A 389 9.35 -7.38 -31.25
C LYS A 389 9.39 -6.78 -29.80
N ILE A 390 8.36 -7.09 -29.02
CA ILE A 390 8.18 -6.48 -27.70
C ILE A 390 8.58 -7.32 -26.47
N TRP A 391 9.41 -8.35 -26.69
CA TRP A 391 9.83 -9.25 -25.59
C TRP A 391 11.09 -8.73 -24.93
N VAL A 392 11.32 -9.14 -23.67
CA VAL A 392 12.60 -8.95 -23.00
C VAL A 392 13.62 -9.86 -23.73
N ASN A 393 14.79 -9.32 -24.12
CA ASN A 393 15.82 -10.09 -24.82
C ASN A 393 16.93 -10.57 -23.89
N SER A 394 17.62 -11.65 -24.26
CA SER A 394 18.84 -12.04 -23.56
C SER A 394 19.94 -11.03 -23.82
N SER A 395 21.10 -11.21 -23.20
CA SER A 395 22.17 -10.20 -23.27
C SER A 395 22.66 -9.86 -24.68
N ASP A 396 22.46 -10.74 -25.66
CA ASP A 396 22.88 -10.42 -27.03
C ASP A 396 22.10 -9.22 -27.62
N GLY A 397 21.04 -8.81 -26.92
CA GLY A 397 20.21 -7.71 -27.36
C GLY A 397 19.27 -8.04 -28.50
N VAL A 398 19.28 -9.27 -29.01
CA VAL A 398 18.37 -9.60 -30.15
C VAL A 398 17.46 -10.82 -30.01
N THR A 399 17.84 -11.79 -29.17
CA THR A 399 17.04 -13.00 -29.00
C THR A 399 16.17 -12.89 -27.72
N PRO A 400 14.83 -13.04 -27.87
CA PRO A 400 13.94 -13.09 -26.70
C PRO A 400 14.37 -14.10 -25.65
N LEU A 401 14.39 -13.67 -24.39
CA LEU A 401 14.69 -14.56 -23.28
C LEU A 401 13.56 -15.59 -23.07
N ILE A 402 13.93 -16.85 -22.96
CA ILE A 402 12.98 -17.90 -22.65
C ILE A 402 13.11 -18.36 -21.19
N GLY A 403 11.97 -18.42 -20.52
CA GLY A 403 11.88 -18.92 -19.18
C GLY A 403 10.73 -19.90 -19.13
N GLU A 404 10.15 -20.07 -17.95
CA GLU A 404 9.09 -21.03 -17.75
C GLU A 404 8.18 -20.51 -16.63
N VAL A 405 6.87 -20.43 -16.91
CA VAL A 405 5.86 -20.14 -15.88
C VAL A 405 4.68 -21.13 -16.09
N TRP A 406 3.44 -20.74 -15.80
CA TRP A 406 2.32 -21.66 -15.74
C TRP A 406 2.06 -22.48 -17.03
N PRO A 407 2.13 -21.82 -18.22
CA PRO A 407 1.84 -22.59 -19.42
C PRO A 407 2.94 -23.49 -19.92
N GLY A 408 4.14 -23.41 -19.37
CA GLY A 408 5.30 -24.07 -19.98
C GLY A 408 6.31 -23.02 -20.34
N GLN A 409 7.15 -23.27 -21.36
CA GLN A 409 8.14 -22.27 -21.79
C GLN A 409 7.50 -20.98 -22.30
N THR A 410 8.10 -19.86 -21.94
CA THR A 410 7.48 -18.54 -22.13
C THR A 410 8.50 -17.49 -22.47
N VAL A 411 8.04 -16.44 -23.14
CA VAL A 411 8.77 -15.17 -23.27
C VAL A 411 8.06 -14.13 -22.36
N PHE A 412 8.68 -12.98 -22.18
CA PHE A 412 8.23 -11.98 -21.20
C PHE A 412 8.10 -10.65 -21.91
N PRO A 413 6.94 -10.02 -21.80
CA PRO A 413 6.80 -8.68 -22.39
C PRO A 413 7.72 -7.65 -21.72
N ASP A 414 8.24 -6.72 -22.52
CA ASP A 414 9.03 -5.62 -21.99
C ASP A 414 8.09 -4.46 -21.87
N TYR A 415 7.45 -4.33 -20.72
CA TYR A 415 6.43 -3.28 -20.54
C TYR A 415 7.06 -1.91 -20.48
N THR A 416 8.40 -1.82 -20.46
CA THR A 416 9.07 -0.50 -20.51
C THR A 416 9.07 0.14 -21.90
N ASN A 417 8.88 -0.70 -22.92
CA ASN A 417 8.77 -0.27 -24.30
C ASN A 417 7.35 0.22 -24.52
N PRO A 418 7.17 1.52 -24.89
CA PRO A 418 5.79 2.03 -25.12
C PRO A 418 4.99 1.28 -26.22
N ASN A 419 5.71 0.66 -27.16
CA ASN A 419 5.11 -0.21 -28.15
C ASN A 419 4.57 -1.53 -27.55
N CYS A 420 5.03 -1.90 -26.35
CA CYS A 420 4.49 -3.05 -25.63
C CYS A 420 3.09 -2.81 -25.11
N ALA A 421 2.83 -1.62 -24.55
CA ALA A 421 1.49 -1.21 -24.13
C ALA A 421 0.48 -1.30 -25.30
N VAL A 422 0.91 -0.91 -26.50
CA VAL A 422 0.12 -1.09 -27.73
C VAL A 422 -0.26 -2.55 -27.93
N TRP A 423 0.74 -3.44 -27.96
CA TRP A 423 0.48 -4.89 -28.02
C TRP A 423 -0.50 -5.37 -26.91
N TRP A 424 -0.21 -4.99 -25.69
CA TRP A 424 -0.91 -5.45 -24.49
C TRP A 424 -2.37 -4.98 -24.57
N THR A 425 -2.56 -3.71 -24.91
CA THR A 425 -3.89 -3.15 -25.11
C THR A 425 -4.73 -3.96 -26.11
N LYS A 426 -4.16 -4.29 -27.27
CA LYS A 426 -4.89 -5.06 -28.28
C LYS A 426 -5.24 -6.46 -27.74
N GLU A 427 -4.36 -7.04 -26.94
CA GLU A 427 -4.63 -8.37 -26.39
C GLU A 427 -5.86 -8.29 -25.49
N PHE A 428 -5.94 -7.22 -24.71
CA PHE A 428 -7.11 -6.97 -23.83
C PHE A 428 -8.39 -6.69 -24.59
N GLU A 429 -8.30 -5.84 -25.62
CA GLU A 429 -9.41 -5.60 -26.55
C GLU A 429 -9.93 -6.90 -27.15
N LEU A 430 -9.04 -7.67 -27.75
CA LEU A 430 -9.45 -8.93 -28.37
C LEU A 430 -10.12 -9.86 -27.35
N PHE A 431 -9.55 -10.00 -26.15
CA PHE A 431 -10.13 -10.89 -25.13
C PHE A 431 -11.45 -10.39 -24.53
N HIS A 432 -11.59 -9.07 -24.38
CA HIS A 432 -12.81 -8.49 -23.80
C HIS A 432 -14.06 -8.72 -24.69
N ASN A 433 -13.84 -8.79 -26.00
CA ASN A 433 -14.86 -9.21 -26.93
C ASN A 433 -15.42 -10.61 -26.66
N GLN A 434 -14.63 -11.48 -26.05
CA GLN A 434 -15.07 -12.83 -25.70
C GLN A 434 -15.64 -12.91 -24.26
N VAL A 435 -14.87 -12.40 -23.31
CA VAL A 435 -15.23 -12.46 -21.90
C VAL A 435 -15.20 -11.04 -21.40
N GLU A 436 -16.37 -10.50 -21.06
CA GLU A 436 -16.49 -9.10 -20.64
C GLU A 436 -16.11 -8.90 -19.16
N PHE A 437 -14.83 -9.00 -18.87
CA PHE A 437 -14.29 -8.75 -17.53
C PHE A 437 -14.37 -7.24 -17.22
N ASP A 438 -14.31 -6.90 -15.93
CA ASP A 438 -14.49 -5.52 -15.51
C ASP A 438 -13.22 -4.96 -14.92
N GLY A 439 -12.33 -5.85 -14.51
CA GLY A 439 -11.09 -5.45 -13.89
C GLY A 439 -10.06 -6.53 -14.10
N ILE A 440 -8.83 -6.24 -13.69
CA ILE A 440 -7.66 -7.02 -14.08
C ILE A 440 -6.76 -7.23 -12.85
N TRP A 441 -6.43 -8.49 -12.60
CA TRP A 441 -5.57 -8.91 -11.52
C TRP A 441 -4.22 -9.37 -12.17
N ILE A 442 -3.18 -8.56 -12.01
CA ILE A 442 -1.85 -8.84 -12.58
C ILE A 442 -0.94 -9.45 -11.53
N ASP A 443 -0.43 -10.63 -11.88
CA ASP A 443 0.26 -11.49 -10.93
C ASP A 443 1.60 -11.96 -11.52
N MET A 444 2.41 -12.59 -10.67
CA MET A 444 3.67 -13.20 -11.07
C MET A 444 4.59 -12.19 -11.73
N ASN A 445 4.46 -10.91 -11.36
CA ASN A 445 5.17 -9.84 -12.08
C ASN A 445 6.39 -9.23 -11.36
N GLU A 446 7.11 -10.04 -10.59
CA GLU A 446 8.39 -9.63 -10.01
C GLU A 446 9.55 -9.33 -10.96
N VAL A 447 9.73 -10.05 -12.07
CA VAL A 447 8.88 -11.08 -12.67
C VAL A 447 9.27 -12.48 -12.10
N SER A 448 8.29 -13.37 -11.95
CA SER A 448 8.49 -14.70 -11.37
C SER A 448 8.79 -15.71 -12.50
N ASN A 449 9.90 -16.44 -12.37
CA ASN A 449 10.37 -17.41 -13.38
C ASN A 449 10.47 -18.74 -12.63
N PHE A 450 10.00 -19.83 -13.25
CA PHE A 450 10.07 -21.15 -12.64
C PHE A 450 11.47 -21.75 -12.80
N VAL A 451 12.24 -21.27 -13.77
CA VAL A 451 13.67 -21.58 -13.83
C VAL A 451 14.51 -20.38 -13.35
N ASP A 452 15.77 -20.61 -12.99
CA ASP A 452 16.62 -19.53 -12.57
C ASP A 452 17.24 -18.83 -13.78
N GLY A 453 16.79 -17.61 -14.01
CA GLY A 453 17.33 -16.75 -15.04
C GLY A 453 16.71 -17.01 -16.38
N SER A 454 16.95 -18.20 -16.94
CA SER A 454 16.39 -18.57 -18.25
C SER A 454 16.52 -20.09 -18.38
N VAL A 455 16.03 -20.63 -19.51
CA VAL A 455 16.12 -22.07 -19.75
C VAL A 455 17.57 -22.52 -19.90
N SER A 456 18.49 -21.62 -20.23
CA SER A 456 19.91 -22.01 -20.21
C SER A 456 20.71 -21.46 -19.01
N GLY A 457 20.02 -21.09 -17.94
CA GLY A 457 20.64 -20.42 -16.82
C GLY A 457 21.18 -19.04 -17.19
N CYS A 458 22.21 -18.60 -16.46
CA CYS A 458 22.82 -17.28 -16.63
C CYS A 458 24.32 -17.38 -16.69
N SER A 459 24.93 -16.70 -17.67
CA SER A 459 26.36 -16.60 -17.74
C SER A 459 26.96 -15.99 -16.47
N THR A 460 28.10 -16.53 -16.07
CA THR A 460 28.88 -15.96 -14.98
C THR A 460 29.50 -14.66 -15.42
N ASN A 461 29.19 -13.59 -14.69
CA ASN A 461 29.67 -12.24 -14.97
C ASN A 461 29.29 -11.27 -13.84
N ASN A 462 29.70 -10.01 -13.90
CA ASN A 462 29.54 -9.11 -12.74
C ASN A 462 28.08 -8.66 -12.46
N LEU A 463 27.19 -8.89 -13.42
CA LEU A 463 25.75 -8.60 -13.23
C LEU A 463 25.05 -9.77 -12.56
N ASN A 464 25.19 -10.97 -13.14
CA ASN A 464 24.59 -12.17 -12.53
C ASN A 464 25.24 -12.59 -11.22
N ASN A 465 26.53 -12.26 -11.09
CA ASN A 465 27.35 -12.65 -9.96
C ASN A 465 28.18 -11.44 -9.47
N PRO A 466 27.54 -10.49 -8.75
CA PRO A 466 28.15 -9.19 -8.42
C PRO A 466 29.14 -9.26 -7.25
N PRO A 467 30.01 -8.24 -7.09
CA PRO A 467 30.97 -8.33 -5.95
C PRO A 467 30.29 -8.54 -4.59
N PHE A 468 29.11 -7.94 -4.37
CA PHE A 468 28.38 -7.99 -3.08
C PHE A 468 26.92 -8.23 -3.41
N THR A 469 26.34 -9.22 -2.75
CA THR A 469 24.93 -9.52 -2.92
C THR A 469 24.26 -9.27 -1.58
N PRO A 470 23.22 -8.42 -1.60
CA PRO A 470 22.43 -8.24 -0.34
C PRO A 470 21.83 -9.60 0.08
N ARG A 471 21.33 -9.71 1.31
CA ARG A 471 20.88 -11.01 1.83
C ARG A 471 19.49 -11.41 1.36
N ILE A 472 19.29 -11.35 0.04
CA ILE A 472 18.05 -11.77 -0.61
C ILE A 472 17.89 -13.28 -0.53
N LEU A 473 16.63 -13.74 -0.47
CA LEU A 473 16.32 -15.17 -0.48
C LEU A 473 17.12 -15.94 -1.53
N ASP A 474 17.83 -16.98 -1.07
CA ASP A 474 18.62 -17.93 -1.89
C ASP A 474 19.95 -17.39 -2.41
N GLY A 475 20.24 -16.11 -2.16
CA GLY A 475 21.60 -15.63 -2.35
C GLY A 475 22.08 -15.39 -3.77
N TYR A 476 21.22 -15.54 -4.77
CA TYR A 476 21.58 -15.16 -6.14
C TYR A 476 20.48 -14.29 -6.66
N LEU A 477 20.84 -13.18 -7.32
CA LEU A 477 19.89 -12.26 -7.90
C LEU A 477 18.94 -12.89 -8.91
N PHE A 478 19.42 -13.85 -9.71
CA PHE A 478 18.57 -14.42 -10.77
C PHE A 478 17.68 -15.57 -10.33
N CYS A 479 17.73 -15.92 -9.04
CA CYS A 479 16.91 -16.99 -8.48
CA CYS A 479 16.88 -16.97 -8.49
C CYS A 479 15.42 -16.68 -8.71
N LYS A 480 14.76 -17.59 -9.41
CA LYS A 480 13.35 -17.55 -9.74
C LYS A 480 12.93 -16.24 -10.42
N THR A 481 13.83 -15.69 -11.22
CA THR A 481 13.49 -14.52 -12.06
C THR A 481 14.35 -14.51 -13.30
N LEU A 482 14.55 -13.34 -13.92
CA LEU A 482 15.26 -13.26 -15.21
C LEU A 482 16.76 -13.06 -14.97
N CYS A 483 17.57 -13.36 -16.00
CA CYS A 483 19.01 -13.06 -15.98
C CYS A 483 19.17 -11.57 -15.77
N MET A 484 20.18 -11.19 -14.98
CA MET A 484 20.50 -9.80 -14.69
C MET A 484 21.06 -9.07 -15.91
N ASP A 485 21.55 -9.84 -16.88
CA ASP A 485 22.01 -9.23 -18.13
C ASP A 485 20.94 -9.27 -19.23
N ALA A 486 19.72 -9.64 -18.85
CA ALA A 486 18.61 -9.49 -19.76
C ALA A 486 18.37 -8.01 -20.01
N VAL A 487 17.80 -7.72 -21.17
CA VAL A 487 17.84 -6.38 -21.69
C VAL A 487 16.42 -5.86 -22.06
N GLN A 488 16.07 -4.67 -21.57
CA GLN A 488 14.81 -4.02 -21.84
C GLN A 488 15.04 -2.58 -22.35
N HIS A 489 13.97 -1.95 -22.77
CA HIS A 489 14.03 -0.60 -23.27
C HIS A 489 14.60 0.37 -22.21
N TRP A 490 14.19 0.25 -20.94
CA TRP A 490 14.77 1.10 -19.88
C TRP A 490 16.17 0.74 -19.42
N GLY A 491 16.65 -0.46 -19.80
CA GLY A 491 18.02 -0.85 -19.52
C GLY A 491 18.13 -2.30 -19.15
N LYS A 492 19.19 -2.65 -18.44
CA LYS A 492 19.46 -4.02 -18.03
C LYS A 492 18.64 -4.41 -16.82
N GLN A 493 18.28 -5.68 -16.78
CA GLN A 493 17.55 -6.28 -15.67
C GLN A 493 18.21 -6.02 -14.31
N TYR A 494 19.54 -6.07 -14.25
CA TYR A 494 20.29 -5.67 -13.05
C TYR A 494 19.79 -4.35 -12.44
N ASP A 495 19.49 -3.38 -13.31
CA ASP A 495 19.12 -2.03 -12.90
C ASP A 495 17.61 -1.84 -12.73
N ILE A 496 16.82 -2.53 -13.55
CA ILE A 496 15.39 -2.28 -13.62
C ILE A 496 14.51 -3.43 -13.18
N HIS A 497 15.11 -4.49 -12.64
CA HIS A 497 14.34 -5.63 -12.18
C HIS A 497 13.17 -5.19 -11.25
N ASN A 498 13.44 -4.29 -10.32
CA ASN A 498 12.42 -3.85 -9.31
C ASN A 498 11.31 -3.00 -9.91
N LEU A 499 11.48 -2.64 -11.17
CA LEU A 499 10.53 -1.82 -11.90
C LEU A 499 9.60 -2.61 -12.85
N TYR A 500 9.71 -3.94 -12.88
CA TYR A 500 8.90 -4.76 -13.81
C TYR A 500 7.39 -4.63 -13.49
N GLY A 501 7.00 -4.92 -12.26
CA GLY A 501 5.59 -4.87 -11.85
C GLY A 501 5.04 -3.47 -11.94
N TYR A 502 5.88 -2.50 -11.66
CA TYR A 502 5.55 -1.09 -11.84
C TYR A 502 5.27 -0.75 -13.33
N SER A 503 6.16 -1.21 -14.21
CA SER A 503 6.02 -0.90 -15.65
C SER A 503 4.76 -1.59 -16.17
N MET A 504 4.48 -2.78 -15.63
CA MET A 504 3.31 -3.58 -16.00
C MET A 504 1.99 -2.97 -15.53
N ALA A 505 1.95 -2.40 -14.30
CA ALA A 505 0.75 -1.66 -13.86
C ALA A 505 0.51 -0.41 -14.70
N VAL A 506 1.59 0.29 -15.08
CA VAL A 506 1.47 1.48 -15.96
C VAL A 506 0.82 1.08 -17.30
N ALA A 507 1.37 0.05 -17.96
CA ALA A 507 0.86 -0.47 -19.26
C ALA A 507 -0.57 -0.96 -19.17
N THR A 508 -0.93 -1.56 -18.04
CA THR A 508 -2.23 -2.13 -17.80
C THR A 508 -3.25 -1.02 -17.61
N ALA A 509 -2.87 0.03 -16.86
CA ALA A 509 -3.67 1.25 -16.80
C ALA A 509 -3.83 1.91 -18.18
N GLU A 510 -2.78 1.88 -19.01
CA GLU A 510 -2.89 2.32 -20.41
C GLU A 510 -3.98 1.52 -21.18
N ALA A 511 -3.92 0.18 -21.08
CA ALA A 511 -4.91 -0.70 -21.70
C ALA A 511 -6.35 -0.39 -21.27
N ALA A 512 -6.56 -0.14 -19.98
CA ALA A 512 -7.88 0.32 -19.47
C ALA A 512 -8.48 1.55 -20.18
N LYS A 513 -7.65 2.51 -20.56
CA LYS A 513 -8.10 3.65 -21.40
C LYS A 513 -8.82 3.23 -22.70
N THR A 514 -8.45 2.09 -23.28
CA THR A 514 -9.08 1.66 -24.52
C THR A 514 -10.23 0.73 -24.22
N VAL A 515 -10.01 -0.21 -23.30
CA VAL A 515 -10.98 -1.24 -23.00
C VAL A 515 -12.16 -0.73 -22.14
N PHE A 516 -11.86 0.19 -21.23
CA PHE A 516 -12.88 0.78 -20.33
C PHE A 516 -12.89 2.30 -20.47
N PRO A 517 -13.33 2.84 -21.64
CA PRO A 517 -13.07 4.26 -21.88
C PRO A 517 -13.72 5.13 -20.79
N ASN A 518 -12.96 6.08 -20.25
CA ASN A 518 -13.36 6.98 -19.14
C ASN A 518 -13.67 6.36 -17.78
N LYS A 519 -13.36 5.08 -17.60
CA LYS A 519 -13.62 4.43 -16.31
C LYS A 519 -12.33 4.12 -15.59
N ARG A 520 -12.43 4.02 -14.28
CA ARG A 520 -11.31 3.62 -13.43
C ARG A 520 -11.00 2.14 -13.57
N SER A 521 -12.04 1.32 -13.75
CA SER A 521 -11.92 -0.12 -13.70
C SER A 521 -11.27 -0.50 -12.35
N PHE A 522 -10.43 -1.53 -12.34
CA PHE A 522 -9.76 -2.01 -11.15
C PHE A 522 -8.52 -2.77 -11.59
N ILE A 523 -7.34 -2.40 -11.06
CA ILE A 523 -6.13 -3.19 -11.30
C ILE A 523 -5.55 -3.62 -9.98
N LEU A 524 -5.36 -4.93 -9.80
CA LEU A 524 -4.76 -5.49 -8.61
C LEU A 524 -3.39 -6.06 -8.98
N THR A 525 -2.34 -5.52 -8.35
CA THR A 525 -0.96 -5.96 -8.67
C THR A 525 -0.24 -6.55 -7.48
N ARG A 526 0.66 -7.51 -7.76
CA ARG A 526 1.45 -8.17 -6.76
C ARG A 526 2.73 -7.37 -6.49
N SER A 527 3.60 -7.34 -7.50
CA SER A 527 4.80 -6.56 -7.41
C SER A 527 4.57 -5.05 -7.59
N THR A 528 5.31 -4.25 -6.82
CA THR A 528 5.18 -2.78 -6.79
C THR A 528 6.55 -2.13 -6.64
N PHE A 529 6.63 -0.87 -7.08
CA PHE A 529 7.72 0.01 -6.79
C PHE A 529 7.06 1.25 -6.16
N ALA A 530 7.84 2.24 -5.76
CA ALA A 530 7.27 3.47 -5.20
C ALA A 530 6.47 4.20 -6.24
N GLY A 531 5.25 4.59 -5.89
CA GLY A 531 4.40 5.22 -6.89
C GLY A 531 3.37 4.33 -7.58
N SER A 532 3.42 3.01 -7.34
CA SER A 532 2.47 2.04 -7.93
C SER A 532 1.01 2.26 -7.59
N GLY A 533 0.73 2.87 -6.44
CA GLY A 533 -0.65 3.14 -6.05
C GLY A 533 -1.37 4.14 -6.95
N LYS A 534 -0.59 4.89 -7.74
CA LYS A 534 -1.22 5.78 -8.73
C LYS A 534 -2.03 4.97 -9.74
N PHE A 535 -1.74 3.67 -9.83
CA PHE A 535 -2.21 2.82 -10.95
C PHE A 535 -2.96 1.60 -10.48
N ALA A 536 -2.70 1.13 -9.24
CA ALA A 536 -3.13 -0.18 -8.84
C ALA A 536 -3.38 -0.38 -7.36
N ALA A 537 -4.23 -1.33 -7.04
CA ALA A 537 -4.36 -1.86 -5.68
C ALA A 537 -3.33 -2.96 -5.50
N HIS A 538 -3.12 -3.40 -4.27
CA HIS A 538 -2.14 -4.42 -3.99
C HIS A 538 -2.76 -5.42 -3.01
N TRP A 539 -2.33 -6.68 -3.08
CA TRP A 539 -2.63 -7.61 -2.00
C TRP A 539 -1.33 -8.19 -1.45
N LEU A 540 -1.37 -8.65 -0.20
CA LEU A 540 -0.14 -9.00 0.50
C LEU A 540 0.44 -10.39 0.10
N GLY A 541 -0.18 -11.04 -0.87
CA GLY A 541 0.38 -12.24 -1.50
C GLY A 541 -0.06 -13.58 -0.90
N ASP A 542 0.77 -14.61 -1.12
CA ASP A 542 0.45 -15.98 -0.74
C ASP A 542 0.72 -16.26 0.75
N ASN A 543 -0.19 -15.83 1.60
CA ASN A 543 -0.09 -16.12 3.02
C ASN A 543 -0.60 -17.55 3.32
N THR A 544 -0.83 -17.84 4.60
CA THR A 544 -1.11 -19.18 5.08
C THR A 544 -2.21 -19.10 6.11
N ALA A 545 -3.05 -20.12 6.22
CA ALA A 545 -4.13 -20.07 7.21
C ALA A 545 -3.57 -20.36 8.60
N THR A 546 -2.80 -19.42 9.15
CA THR A 546 -2.33 -19.50 10.56
C THR A 546 -2.73 -18.23 11.34
N TRP A 547 -2.80 -18.31 12.67
CA TRP A 547 -2.97 -17.14 13.54
C TRP A 547 -1.85 -16.08 13.43
N ASP A 548 -0.62 -16.55 13.17
CA ASP A 548 0.52 -15.67 12.87
C ASP A 548 0.25 -14.84 11.63
N ASP A 549 -0.16 -15.47 10.52
CA ASP A 549 -0.52 -14.69 9.32
C ASP A 549 -1.63 -13.66 9.54
N LEU A 550 -2.65 -14.01 10.32
CA LEU A 550 -3.69 -13.03 10.72
C LEU A 550 -3.06 -11.80 11.41
N ARG A 551 -2.25 -12.02 12.45
CA ARG A 551 -1.61 -10.90 13.17
C ARG A 551 -0.76 -10.03 12.26
N TRP A 552 0.04 -10.68 11.41
CA TRP A 552 1.02 -10.01 10.59
C TRP A 552 0.42 -9.14 9.54
N SER A 553 -0.86 -9.39 9.23
CA SER A 553 -1.55 -8.64 8.18
C SER A 553 -1.65 -7.15 8.49
N ILE A 554 -1.83 -6.80 9.76
CA ILE A 554 -2.11 -5.40 10.11
C ILE A 554 -0.93 -4.46 9.81
N PRO A 555 0.29 -4.76 10.36
CA PRO A 555 1.43 -3.94 9.94
C PRO A 555 1.58 -3.84 8.40
N GLY A 556 1.39 -4.95 7.67
CA GLY A 556 1.49 -4.96 6.17
C GLY A 556 0.48 -4.01 5.52
N VAL A 557 -0.77 -4.02 5.99
CA VAL A 557 -1.77 -3.04 5.54
C VAL A 557 -1.41 -1.57 5.88
N LEU A 558 -0.91 -1.31 7.09
CA LEU A 558 -0.56 0.03 7.50
C LEU A 558 0.59 0.59 6.73
N GLU A 559 1.61 -0.24 6.50
CA GLU A 559 2.75 0.14 5.69
C GLU A 559 2.38 0.50 4.25
N PHE A 560 1.50 -0.25 3.60
CA PHE A 560 1.16 0.08 2.22
C PHE A 560 0.35 1.36 2.11
N ASN A 561 -0.35 1.70 3.21
CA ASN A 561 -0.99 3.03 3.29
C ASN A 561 0.02 4.17 3.40
N LEU A 562 1.11 4.00 4.14
CA LEU A 562 2.21 4.96 4.06
C LEU A 562 2.79 5.06 2.64
N PHE A 563 2.85 3.93 1.96
CA PHE A 563 3.40 3.87 0.59
C PHE A 563 2.44 4.43 -0.47
N GLY A 564 1.24 4.85 -0.05
CA GLY A 564 0.23 5.37 -0.98
C GLY A 564 -0.45 4.31 -1.86
N ILE A 565 -0.51 3.11 -1.35
CA ILE A 565 -1.33 2.06 -1.92
C ILE A 565 -2.40 1.69 -0.85
N PRO A 566 -3.37 2.61 -0.60
CA PRO A 566 -4.33 2.39 0.48
C PRO A 566 -5.27 1.21 0.29
N MET A 567 -5.59 0.89 -0.97
CA MET A 567 -6.40 -0.30 -1.25
CA MET A 567 -6.39 -0.28 -1.33
C MET A 567 -5.47 -1.52 -1.28
N VAL A 568 -5.36 -2.14 -0.11
CA VAL A 568 -4.44 -3.23 0.16
C VAL A 568 -5.11 -4.12 1.25
N GLY A 569 -4.90 -5.43 1.14
CA GLY A 569 -5.29 -6.38 2.16
C GLY A 569 -4.64 -7.70 1.80
N PRO A 570 -4.72 -8.68 2.69
CA PRO A 570 -4.22 -10.01 2.39
C PRO A 570 -5.32 -10.89 1.79
N ASP A 571 -5.02 -12.17 1.57
CA ASP A 571 -6.04 -13.20 1.32
C ASP A 571 -6.72 -13.59 2.67
N ILE A 572 -7.97 -13.16 2.83
CA ILE A 572 -8.70 -13.44 4.08
C ILE A 572 -8.89 -14.94 4.23
N CYS A 573 -8.63 -15.42 5.46
CA CYS A 573 -8.66 -16.83 5.83
C CYS A 573 -7.39 -17.61 5.41
N GLY A 574 -6.53 -17.00 4.58
CA GLY A 574 -5.23 -17.57 4.32
C GLY A 574 -5.23 -18.35 3.01
N PHE A 575 -4.28 -18.05 2.15
CA PHE A 575 -4.17 -18.69 0.85
C PHE A 575 -3.83 -20.19 1.03
N ALA A 576 -2.64 -20.49 1.53
CA ALA A 576 -2.14 -21.85 1.67
C ALA A 576 -2.77 -22.47 2.88
N LEU A 577 -3.09 -23.76 2.75
CA LEU A 577 -3.61 -24.62 3.83
C LEU A 577 -5.13 -24.56 3.97
N ASP A 578 -5.72 -25.60 4.57
CA ASP A 578 -7.11 -25.61 5.00
C ASP A 578 -7.30 -24.60 6.15
N THR A 579 -8.29 -23.71 6.05
CA THR A 579 -8.49 -22.76 7.13
C THR A 579 -9.32 -23.41 8.25
N PRO A 580 -8.89 -23.28 9.52
CA PRO A 580 -9.73 -23.71 10.62
C PRO A 580 -10.97 -22.79 10.68
N GLU A 581 -12.12 -23.27 11.16
CA GLU A 581 -13.32 -22.42 11.26
C GLU A 581 -13.12 -21.19 12.15
N GLU A 582 -12.49 -21.38 13.31
CA GLU A 582 -12.31 -20.29 14.27
C GLU A 582 -11.46 -19.16 13.67
N LEU A 583 -10.33 -19.55 13.07
CA LEU A 583 -9.44 -18.60 12.39
C LEU A 583 -10.17 -17.83 11.28
N CYS A 584 -10.81 -18.56 10.37
CA CYS A 584 -11.54 -17.93 9.27
C CYS A 584 -12.66 -16.97 9.78
N ARG A 585 -13.35 -17.34 10.85
CA ARG A 585 -14.39 -16.48 11.41
C ARG A 585 -13.76 -15.19 11.97
N ARG A 586 -12.63 -15.30 12.68
CA ARG A 586 -11.97 -14.08 13.21
C ARG A 586 -11.38 -13.25 12.07
N TRP A 587 -10.94 -13.96 11.03
CA TRP A 587 -10.35 -13.30 9.87
C TRP A 587 -11.39 -12.59 9.00
N MET A 588 -12.57 -13.19 8.86
CA MET A 588 -13.67 -12.51 8.16
C MET A 588 -14.18 -11.25 8.88
N GLN A 589 -14.22 -11.29 10.22
CA GLN A 589 -14.60 -10.12 11.07
C GLN A 589 -13.63 -8.95 10.87
N LEU A 590 -12.33 -9.22 11.02
CA LEU A 590 -11.31 -8.25 10.66
C LEU A 590 -11.32 -7.86 9.16
N GLY A 591 -11.47 -8.89 8.30
CA GLY A 591 -11.40 -8.72 6.84
C GLY A 591 -12.47 -7.79 6.28
N ALA A 592 -13.63 -7.71 6.95
CA ALA A 592 -14.67 -6.76 6.59
C ALA A 592 -14.18 -5.31 6.75
N PHE A 593 -13.04 -5.12 7.42
CA PHE A 593 -12.45 -3.77 7.59
C PHE A 593 -11.07 -3.51 6.94
N TYR A 594 -10.55 -4.49 6.17
CA TYR A 594 -9.37 -4.18 5.35
C TYR A 594 -9.86 -3.23 4.24
N PRO A 595 -9.03 -2.24 3.84
CA PRO A 595 -9.43 -1.37 2.70
C PRO A 595 -9.71 -2.17 1.42
N PHE A 596 -8.87 -3.15 1.11
CA PHE A 596 -9.16 -4.19 0.09
C PHE A 596 -9.58 -5.49 0.79
N SER A 597 -10.83 -5.93 0.57
CA SER A 597 -11.43 -7.05 1.27
C SER A 597 -11.70 -8.22 0.29
N ARG A 598 -10.81 -9.22 0.31
CA ARG A 598 -10.92 -10.37 -0.62
C ARG A 598 -10.60 -11.65 0.12
N ASN A 599 -11.50 -12.63 0.01
CA ASN A 599 -11.27 -13.96 0.55
C ASN A 599 -10.82 -14.74 -0.64
N HIS A 600 -9.57 -15.23 -0.59
CA HIS A 600 -8.93 -15.97 -1.67
C HIS A 600 -8.25 -17.20 -1.09
N ASN A 601 -8.12 -18.26 -1.89
CA ASN A 601 -7.72 -19.57 -1.41
C ASN A 601 -6.82 -20.26 -2.42
N GLY A 602 -5.87 -21.04 -1.93
CA GLY A 602 -4.95 -21.78 -2.80
C GLY A 602 -5.56 -23.03 -3.38
N GLN A 603 -4.81 -23.65 -4.29
CA GLN A 603 -5.25 -24.84 -4.99
C GLN A 603 -5.42 -26.06 -4.08
N GLY A 604 -6.54 -26.76 -4.22
CA GLY A 604 -6.73 -28.03 -3.54
C GLY A 604 -7.30 -27.97 -2.13
N TYR A 605 -7.10 -26.85 -1.42
CA TYR A 605 -7.50 -26.77 -0.01
C TYR A 605 -9.00 -26.74 0.11
N LYS A 606 -9.51 -27.12 1.29
CA LYS A 606 -10.98 -27.09 1.53
C LYS A 606 -11.58 -25.71 1.27
N ASP A 607 -12.83 -25.68 0.81
CA ASP A 607 -13.53 -24.42 0.52
C ASP A 607 -13.40 -23.51 1.72
N GLN A 608 -13.18 -22.21 1.48
CA GLN A 608 -13.22 -21.25 2.61
C GLN A 608 -14.07 -20.00 2.36
N ASP A 609 -14.90 -20.02 1.31
CA ASP A 609 -15.89 -18.97 1.07
C ASP A 609 -16.90 -18.99 2.23
N PRO A 610 -17.42 -17.81 2.63
CA PRO A 610 -18.26 -17.81 3.82
C PRO A 610 -19.44 -18.79 3.85
N ALA A 611 -20.21 -18.91 2.75
CA ALA A 611 -21.39 -19.78 2.75
C ALA A 611 -21.01 -21.26 2.84
N SER A 612 -19.76 -21.60 2.51
CA SER A 612 -19.32 -22.97 2.56
C SER A 612 -19.34 -23.53 3.99
N PHE A 613 -19.38 -22.64 4.98
CA PHE A 613 -19.33 -23.06 6.38
C PHE A 613 -20.72 -23.43 6.89
N GLY A 614 -21.74 -23.20 6.05
CA GLY A 614 -23.11 -23.62 6.37
C GLY A 614 -24.06 -22.44 6.41
N ALA A 615 -25.27 -22.62 5.88
CA ALA A 615 -26.22 -21.50 5.70
C ALA A 615 -26.69 -20.92 7.01
N ASP A 616 -26.50 -21.66 8.08
CA ASP A 616 -26.90 -21.15 9.38
C ASP A 616 -25.74 -21.09 10.38
N SER A 617 -24.52 -21.11 9.85
CA SER A 617 -23.32 -21.16 10.68
C SER A 617 -23.00 -19.79 11.31
N LEU A 618 -22.36 -19.81 12.47
CA LEU A 618 -21.87 -18.63 13.10
C LEU A 618 -20.93 -17.85 12.17
N LEU A 619 -20.08 -18.54 11.40
CA LEU A 619 -19.12 -17.84 10.59
C LEU A 619 -19.87 -17.03 9.53
N LEU A 620 -20.87 -17.63 8.87
CA LEU A 620 -21.62 -16.95 7.84
C LEU A 620 -22.42 -15.79 8.40
N ASN A 621 -23.08 -16.02 9.51
CA ASN A 621 -23.87 -14.98 10.16
C ASN A 621 -23.01 -13.81 10.57
N SER A 622 -21.89 -14.11 11.22
CA SER A 622 -20.91 -13.07 11.61
C SER A 622 -20.29 -12.33 10.41
N SER A 623 -19.86 -13.07 9.37
CA SER A 623 -19.37 -12.46 8.12
C SER A 623 -20.41 -11.55 7.48
N ARG A 624 -21.67 -11.99 7.41
CA ARG A 624 -22.71 -11.14 6.83
C ARG A 624 -22.91 -9.90 7.66
N HIS A 625 -22.95 -10.06 8.98
CA HIS A 625 -23.16 -8.93 9.88
C HIS A 625 -22.13 -7.79 9.71
N TYR A 626 -20.84 -8.13 9.65
CA TYR A 626 -19.76 -7.14 9.61
C TYR A 626 -19.53 -6.62 8.20
N LEU A 627 -19.78 -7.46 7.20
CA LEU A 627 -19.79 -6.98 5.80
C LEU A 627 -20.93 -6.02 5.61
N ASN A 628 -22.08 -6.24 6.27
CA ASN A 628 -23.16 -5.23 6.20
C ASN A 628 -22.81 -3.89 6.88
N ILE A 629 -22.12 -3.95 8.03
CA ILE A 629 -21.52 -2.76 8.63
C ILE A 629 -20.50 -2.08 7.69
N ARG A 630 -19.57 -2.85 7.10
CA ARG A 630 -18.64 -2.26 6.12
C ARG A 630 -19.42 -1.52 5.05
N TYR A 631 -20.43 -2.19 4.48
CA TYR A 631 -21.19 -1.55 3.40
C TYR A 631 -21.97 -0.34 3.92
N THR A 632 -22.47 -0.42 5.16
CA THR A 632 -23.14 0.77 5.71
C THR A 632 -22.22 1.99 5.69
N LEU A 633 -20.93 1.78 5.94
CA LEU A 633 -19.96 2.84 6.13
C LEU A 633 -19.17 3.09 4.86
N LEU A 634 -19.59 2.47 3.76
CA LEU A 634 -18.92 2.75 2.49
C LEU A 634 -18.87 4.24 2.11
N PRO A 635 -19.94 5.03 2.31
CA PRO A 635 -19.68 6.46 2.03
C PRO A 635 -18.54 7.15 2.83
N TYR A 636 -18.38 6.78 4.10
CA TYR A 636 -17.24 7.19 4.94
C TYR A 636 -15.89 6.62 4.38
N LEU A 637 -15.81 5.30 4.14
CA LEU A 637 -14.60 4.71 3.51
C LEU A 637 -14.23 5.42 2.19
N TYR A 638 -15.21 5.60 1.30
CA TYR A 638 -15.02 6.25 0.00
C TYR A 638 -14.53 7.68 0.09
N THR A 639 -15.02 8.43 1.08
CA THR A 639 -14.56 9.80 1.30
C THR A 639 -13.09 9.77 1.80
N LEU A 640 -12.74 8.76 2.60
CA LEU A 640 -11.36 8.56 3.00
C LEU A 640 -10.44 8.33 1.77
N PHE A 641 -10.87 7.50 0.82
CA PHE A 641 -10.10 7.28 -0.43
C PHE A 641 -10.04 8.55 -1.28
N PHE A 642 -11.11 9.35 -1.22
CA PHE A 642 -11.09 10.68 -1.86
C PHE A 642 -9.95 11.53 -1.27
N ARG A 643 -9.80 11.56 0.05
CA ARG A 643 -8.74 12.38 0.70
C ARG A 643 -7.34 11.82 0.35
N ALA A 644 -7.22 10.48 0.29
CA ALA A 644 -5.98 9.85 -0.11
C ALA A 644 -5.60 10.27 -1.55
N HIS A 645 -6.59 10.22 -2.43
CA HIS A 645 -6.40 10.54 -3.85
C HIS A 645 -6.07 12.03 -4.09
N SER A 646 -6.75 12.91 -3.35
CA SER A 646 -6.62 14.35 -3.61
C SER A 646 -5.60 15.04 -2.66
N ARG A 647 -5.46 14.56 -1.43
CA ARG A 647 -4.61 15.24 -0.46
C ARG A 647 -3.44 14.35 0.01
N GLY A 648 -3.58 13.05 -0.12
CA GLY A 648 -2.52 12.15 0.30
C GLY A 648 -2.61 11.54 1.70
N ASP A 649 -3.77 11.65 2.35
CA ASP A 649 -4.03 11.03 3.64
C ASP A 649 -3.93 9.50 3.55
N THR A 650 -3.75 8.83 4.68
CA THR A 650 -3.86 7.36 4.76
C THR A 650 -5.33 7.00 4.89
N VAL A 651 -5.67 5.75 4.61
CA VAL A 651 -7.04 5.26 4.77
C VAL A 651 -7.11 4.39 6.02
N ALA A 652 -6.46 3.23 5.96
CA ALA A 652 -6.18 2.42 7.15
C ALA A 652 -4.96 3.11 7.80
N ARG A 653 -5.19 3.57 9.03
CA ARG A 653 -4.36 4.53 9.74
C ARG A 653 -3.92 3.97 11.09
N PRO A 654 -2.62 4.12 11.45
CA PRO A 654 -2.15 3.75 12.80
C PRO A 654 -2.76 4.65 13.89
N LEU A 655 -3.00 4.10 15.06
CA LEU A 655 -3.46 4.92 16.20
C LEU A 655 -2.55 6.12 16.42
N LEU A 656 -1.26 5.92 16.22
CA LEU A 656 -0.26 6.94 16.57
C LEU A 656 -0.33 8.12 15.61
N HIS A 657 -0.95 7.96 14.44
CA HIS A 657 -1.14 9.10 13.55
C HIS A 657 -2.18 10.08 14.09
N GLU A 658 -3.13 9.61 14.91
CA GLU A 658 -4.14 10.51 15.48
C GLU A 658 -3.79 10.79 16.95
N PHE A 659 -3.01 9.90 17.54
CA PHE A 659 -2.76 9.96 18.99
C PHE A 659 -1.30 10.00 19.36
N TYR A 660 -0.50 10.70 18.54
CA TYR A 660 0.95 10.79 18.70
C TYR A 660 1.38 11.42 20.01
N GLU A 661 0.53 12.22 20.64
CA GLU A 661 0.86 12.86 21.94
CA GLU A 661 0.85 12.85 21.94
C GLU A 661 0.96 11.80 23.05
N ASP A 662 0.39 10.63 22.79
CA ASP A 662 0.34 9.53 23.74
C ASP A 662 1.35 8.44 23.36
N ASN A 663 2.45 8.30 24.09
CA ASN A 663 3.43 7.31 23.69
C ASN A 663 2.97 5.86 23.85
N SER A 664 1.85 5.63 24.53
CA SER A 664 1.27 4.29 24.54
C SER A 664 0.77 3.77 23.17
N THR A 665 0.59 4.66 22.21
CA THR A 665 0.12 4.30 20.87
C THR A 665 1.27 4.06 19.91
N TRP A 666 2.51 4.35 20.30
CA TRP A 666 3.64 4.37 19.34
C TRP A 666 3.99 2.99 18.76
N ASP A 667 3.71 1.94 19.51
CA ASP A 667 3.90 0.61 18.95
C ASP A 667 2.63 -0.27 18.84
N VAL A 668 1.45 0.34 18.85
CA VAL A 668 0.21 -0.42 18.57
C VAL A 668 0.11 -0.83 17.08
N HIS A 669 0.01 -2.15 16.87
CA HIS A 669 -0.15 -2.75 15.54
C HIS A 669 -1.27 -3.82 15.53
N GLN A 670 -1.85 -4.13 16.69
N GLN A 670 -1.90 -4.04 16.67
CA GLN A 670 -2.99 -5.06 16.80
CA GLN A 670 -2.96 -5.02 16.80
C GLN A 670 -4.36 -4.37 16.59
C GLN A 670 -4.36 -4.37 16.73
N GLN A 671 -4.36 -3.04 16.55
CA GLN A 671 -5.59 -2.26 16.30
C GLN A 671 -5.24 -1.28 15.21
N PHE A 672 -6.25 -0.74 14.52
CA PHE A 672 -6.01 0.36 13.57
C PHE A 672 -7.27 1.21 13.40
N LEU A 673 -7.14 2.30 12.66
CA LEU A 673 -8.28 3.17 12.39
C LEU A 673 -8.69 3.16 10.94
N TRP A 674 -9.97 3.42 10.66
CA TRP A 674 -10.37 3.96 9.36
C TRP A 674 -10.41 5.47 9.51
N GLY A 675 -9.47 6.14 8.84
CA GLY A 675 -9.36 7.58 8.94
C GLY A 675 -9.20 8.03 10.40
N PRO A 676 -9.78 9.20 10.74
CA PRO A 676 -9.63 9.71 12.12
C PRO A 676 -10.57 9.09 13.15
N GLY A 677 -11.65 8.43 12.72
CA GLY A 677 -12.79 8.28 13.59
C GLY A 677 -13.27 6.89 14.00
N LEU A 678 -12.89 5.85 13.24
CA LEU A 678 -13.31 4.49 13.53
C LEU A 678 -12.15 3.59 13.98
N LEU A 679 -12.29 3.07 15.20
CA LEU A 679 -11.31 2.22 15.84
C LEU A 679 -11.69 0.76 15.73
N ILE A 680 -10.81 -0.03 15.11
CA ILE A 680 -11.06 -1.45 14.90
C ILE A 680 -10.18 -2.29 15.81
N THR A 681 -10.81 -3.16 16.62
CA THR A 681 -10.09 -3.98 17.61
C THR A 681 -10.47 -5.44 17.43
N PRO A 682 -9.68 -6.18 16.64
CA PRO A 682 -9.93 -7.59 16.43
C PRO A 682 -9.37 -8.49 17.52
N VAL A 683 -10.03 -9.64 17.71
CA VAL A 683 -9.47 -10.74 18.48
C VAL A 683 -8.50 -11.45 17.52
N LEU A 684 -7.25 -11.61 17.92
CA LEU A 684 -6.23 -12.14 17.04
C LEU A 684 -5.55 -13.39 17.63
N ASP A 685 -6.08 -13.92 18.73
CA ASP A 685 -5.49 -15.11 19.37
C ASP A 685 -6.46 -16.27 19.43
N GLU A 686 -5.97 -17.46 19.11
CA GLU A 686 -6.78 -18.67 19.16
C GLU A 686 -7.43 -18.89 20.55
N GLY A 687 -8.72 -19.22 20.53
CA GLY A 687 -9.43 -19.53 21.75
C GLY A 687 -9.83 -18.33 22.58
N ALA A 688 -9.42 -17.13 22.17
CA ALA A 688 -9.74 -15.91 22.94
C ALA A 688 -11.17 -15.37 22.67
N GLU A 689 -11.77 -14.84 23.72
CA GLU A 689 -13.06 -14.13 23.64
C GLU A 689 -12.91 -12.73 24.26
N LYS A 690 -11.65 -12.29 24.31
CA LYS A 690 -11.26 -11.01 24.86
C LYS A 690 -10.03 -10.58 24.11
N VAL A 691 -9.81 -9.27 24.09
CA VAL A 691 -8.56 -8.75 23.60
C VAL A 691 -8.05 -7.62 24.51
N MET A 692 -6.79 -7.70 24.91
CA MET A 692 -6.09 -6.57 25.56
C MET A 692 -5.92 -5.55 24.44
N ALA A 693 -6.42 -4.35 24.66
CA ALA A 693 -6.51 -3.33 23.62
C ALA A 693 -6.23 -1.95 24.21
N TYR A 694 -5.72 -1.03 23.38
CA TYR A 694 -5.55 0.35 23.83
C TYR A 694 -6.74 1.24 23.47
N VAL A 695 -7.22 2.00 24.44
CA VAL A 695 -8.25 2.99 24.20
C VAL A 695 -7.57 4.36 24.27
N PRO A 696 -7.37 5.00 23.10
CA PRO A 696 -6.73 6.31 23.08
C PRO A 696 -7.51 7.41 23.84
N ASP A 697 -6.84 8.54 23.97
CA ASP A 697 -7.31 9.68 24.75
C ASP A 697 -8.38 10.47 23.98
N ALA A 698 -9.61 9.96 24.02
CA ALA A 698 -10.73 10.57 23.31
C ALA A 698 -12.00 9.98 23.88
N VAL A 699 -13.13 10.59 23.56
CA VAL A 699 -14.43 9.97 23.78
C VAL A 699 -14.65 8.86 22.75
N TRP A 700 -15.09 7.67 23.19
CA TRP A 700 -15.37 6.54 22.31
C TRP A 700 -16.77 6.00 22.58
N TYR A 701 -17.47 5.61 21.50
CA TYR A 701 -18.81 5.03 21.55
C TYR A 701 -18.78 3.68 20.88
N ASP A 702 -19.37 2.68 21.51
CA ASP A 702 -19.56 1.41 20.86
C ASP A 702 -20.44 1.55 19.59
N TYR A 703 -19.93 1.07 18.45
CA TYR A 703 -20.67 1.21 17.19
C TYR A 703 -22.03 0.57 17.26
N GLU A 704 -22.09 -0.63 17.79
CA GLU A 704 -23.31 -1.44 17.75
C GLU A 704 -24.39 -0.93 18.71
N THR A 705 -24.05 -0.66 19.96
CA THR A 705 -25.05 -0.13 20.89
C THR A 705 -25.13 1.41 20.95
N GLY A 706 -24.05 2.09 20.56
CA GLY A 706 -24.01 3.55 20.61
C GLY A 706 -23.55 4.05 21.98
N SER A 707 -23.36 3.11 22.89
CA SER A 707 -23.00 3.43 24.27
C SER A 707 -21.57 4.00 24.42
N GLN A 708 -21.45 5.07 25.23
CA GLN A 708 -20.12 5.64 25.55
C GLN A 708 -19.27 4.70 26.42
N VAL A 709 -18.03 4.43 26.00
CA VAL A 709 -17.22 3.52 26.83
C VAL A 709 -16.65 4.26 28.05
N ARG A 710 -16.41 3.51 29.13
CA ARG A 710 -15.96 4.10 30.38
C ARG A 710 -14.44 4.30 30.35
N TRP A 711 -13.80 3.78 29.32
CA TRP A 711 -12.35 3.79 29.23
C TRP A 711 -11.85 5.02 28.46
N ARG A 712 -10.67 5.53 28.85
CA ARG A 712 -10.03 6.64 28.18
C ARG A 712 -8.53 6.65 28.46
N LYS A 713 -7.70 6.66 27.40
CA LYS A 713 -6.24 6.72 27.55
C LYS A 713 -5.79 5.62 28.50
N GLN A 714 -6.10 4.37 28.18
CA GLN A 714 -5.72 3.21 29.02
C GLN A 714 -5.83 1.88 28.27
N LYS A 715 -5.06 0.88 28.72
CA LYS A 715 -5.16 -0.50 28.25
C LYS A 715 -6.30 -1.18 28.95
N VAL A 716 -7.12 -1.88 28.17
CA VAL A 716 -8.31 -2.56 28.72
C VAL A 716 -8.38 -3.98 28.14
N GLU A 717 -9.12 -4.89 28.80
CA GLU A 717 -9.51 -6.12 28.11
C GLU A 717 -10.93 -5.99 27.67
N MET A 718 -11.11 -6.06 26.36
CA MET A 718 -12.38 -5.77 25.71
C MET A 718 -13.00 -7.13 25.54
N GLU A 719 -14.26 -7.28 25.96
CA GLU A 719 -14.96 -8.56 25.86
C GLU A 719 -15.43 -8.72 24.42
N LEU A 720 -14.90 -9.72 23.74
CA LEU A 720 -15.24 -9.91 22.33
C LEU A 720 -15.49 -11.39 22.05
N PRO A 721 -16.74 -11.84 22.27
CA PRO A 721 -17.12 -13.22 22.02
C PRO A 721 -16.92 -13.65 20.55
N GLY A 722 -17.15 -14.94 20.27
CA GLY A 722 -16.92 -15.54 18.94
C GLY A 722 -17.57 -14.78 17.79
N ASP A 723 -18.69 -14.12 18.08
CA ASP A 723 -19.45 -13.37 17.10
C ASP A 723 -19.17 -11.85 16.99
N LYS A 724 -18.08 -11.37 17.62
CA LYS A 724 -17.78 -9.93 17.68
C LYS A 724 -16.34 -9.54 17.33
N ILE A 725 -16.19 -8.33 16.78
CA ILE A 725 -14.93 -7.56 16.67
C ILE A 725 -15.23 -6.17 17.28
N GLY A 726 -14.26 -5.55 17.94
CA GLY A 726 -14.53 -4.23 18.61
C GLY A 726 -14.58 -3.15 17.54
N LEU A 727 -15.63 -2.34 17.59
CA LEU A 727 -15.74 -1.22 16.67
C LEU A 727 -16.17 -0.04 17.52
N HIS A 728 -15.37 1.04 17.52
CA HIS A 728 -15.74 2.26 18.24
C HIS A 728 -15.60 3.50 17.39
N LEU A 729 -16.51 4.44 17.62
CA LEU A 729 -16.58 5.72 16.93
C LEU A 729 -16.11 6.80 17.85
N ARG A 730 -15.29 7.69 17.28
CA ARG A 730 -14.61 8.75 18.02
C ARG A 730 -15.54 9.98 18.23
N GLY A 731 -15.66 10.42 19.50
CA GLY A 731 -16.30 11.68 19.82
C GLY A 731 -15.67 12.83 19.06
N GLY A 732 -16.49 13.64 18.41
CA GLY A 732 -15.99 14.74 17.62
C GLY A 732 -16.19 14.57 16.13
N TYR A 733 -16.67 13.41 15.71
CA TYR A 733 -16.71 13.05 14.27
C TYR A 733 -18.10 12.64 13.84
N ILE A 734 -18.45 12.95 12.60
CA ILE A 734 -19.73 12.62 12.00
C ILE A 734 -19.43 11.70 10.79
N PHE A 735 -20.11 10.55 10.76
CA PHE A 735 -19.85 9.50 9.77
C PHE A 735 -21.03 9.37 8.80
N PRO A 736 -20.82 9.64 7.51
CA PRO A 736 -21.93 9.35 6.59
C PRO A 736 -22.13 7.84 6.33
N THR A 737 -23.39 7.45 6.12
CA THR A 737 -23.75 6.05 5.95
C THR A 737 -24.79 5.93 4.82
N GLN A 738 -24.96 4.71 4.31
CA GLN A 738 -26.01 4.43 3.37
C GLN A 738 -26.51 3.04 3.67
N GLN A 739 -27.85 2.88 3.72
CA GLN A 739 -28.47 1.58 4.00
CA GLN A 739 -28.45 1.57 4.01
C GLN A 739 -27.77 0.52 3.15
N PRO A 740 -27.35 -0.60 3.76
CA PRO A 740 -26.60 -1.51 2.86
C PRO A 740 -27.51 -2.41 2.01
N ASN A 741 -26.91 -3.02 1.00
CA ASN A 741 -27.54 -4.08 0.18
C ASN A 741 -26.39 -5.03 -0.20
N THR A 742 -26.71 -6.11 -0.91
CA THR A 742 -25.72 -7.14 -1.16
C THR A 742 -24.77 -6.78 -2.31
N THR A 743 -25.06 -5.69 -3.03
CA THR A 743 -24.14 -5.07 -4.02
C THR A 743 -24.12 -3.55 -3.84
N THR A 744 -23.01 -2.92 -4.18
CA THR A 744 -22.93 -1.48 -4.21
C THR A 744 -23.70 -0.91 -5.41
N LEU A 745 -23.82 -1.64 -6.52
CA LEU A 745 -24.72 -1.17 -7.59
C LEU A 745 -26.09 -0.79 -7.01
N ALA A 746 -26.65 -1.67 -6.18
CA ALA A 746 -27.93 -1.37 -5.53
C ALA A 746 -27.80 -0.43 -4.31
N SER A 747 -26.75 -0.62 -3.51
CA SER A 747 -26.72 0.04 -2.19
C SER A 747 -26.58 1.54 -2.40
N ARG A 748 -25.90 1.92 -3.50
CA ARG A 748 -25.74 3.33 -3.89
C ARG A 748 -27.05 4.05 -4.21
N LYS A 749 -28.11 3.31 -4.50
CA LYS A 749 -29.45 3.89 -4.70
C LYS A 749 -30.24 4.12 -3.37
N ASN A 750 -29.70 3.71 -2.24
CA ASN A 750 -30.46 3.66 -0.96
C ASN A 750 -30.42 4.97 -0.18
N PRO A 751 -31.36 5.13 0.80
CA PRO A 751 -31.32 6.28 1.73
C PRO A 751 -29.98 6.40 2.49
N LEU A 752 -29.54 7.62 2.70
CA LEU A 752 -28.33 7.90 3.48
C LEU A 752 -28.67 8.14 4.95
N GLY A 753 -27.62 8.14 5.78
CA GLY A 753 -27.77 8.47 7.20
C GLY A 753 -26.56 9.24 7.71
N LEU A 754 -26.65 9.73 8.94
CA LEU A 754 -25.50 10.34 9.64
C LEU A 754 -25.37 9.72 11.00
N ILE A 755 -24.17 9.37 11.39
CA ILE A 755 -23.89 9.04 12.79
C ILE A 755 -23.08 10.22 13.36
N ILE A 756 -23.68 10.95 14.30
CA ILE A 756 -22.99 12.03 14.96
C ILE A 756 -22.45 11.56 16.33
N ALA A 757 -21.12 11.38 16.44
CA ALA A 757 -20.56 11.06 17.76
C ALA A 757 -20.07 12.32 18.48
N LEU A 758 -20.76 12.74 19.53
CA LEU A 758 -20.44 14.04 20.15
C LEU A 758 -19.17 13.97 21.00
N ASP A 759 -18.42 15.06 21.03
CA ASP A 759 -17.28 15.15 21.97
C ASP A 759 -17.75 15.76 23.29
N GLU A 760 -16.83 16.04 24.22
CA GLU A 760 -17.18 16.56 25.56
C GLU A 760 -17.90 17.91 25.51
N ASN A 761 -17.68 18.68 24.45
CA ASN A 761 -18.36 19.96 24.31
C ASN A 761 -19.63 19.85 23.48
N LYS A 762 -20.04 18.62 23.15
CA LYS A 762 -21.26 18.37 22.34
C LYS A 762 -21.08 18.92 20.93
N GLU A 763 -19.86 18.79 20.41
CA GLU A 763 -19.52 19.20 19.04
C GLU A 763 -19.00 18.00 18.23
N ALA A 764 -19.09 18.13 16.90
CA ALA A 764 -18.66 17.06 16.00
C ALA A 764 -18.54 17.65 14.59
N LYS A 765 -17.74 17.03 13.74
CA LYS A 765 -17.54 17.50 12.39
C LYS A 765 -17.33 16.26 11.48
N GLY A 766 -17.76 16.36 10.22
CA GLY A 766 -17.47 15.28 9.27
C GLY A 766 -17.68 15.82 7.88
N GLU A 767 -17.59 14.96 6.88
CA GLU A 767 -17.71 15.39 5.48
C GLU A 767 -18.17 14.19 4.64
N LEU A 768 -18.66 14.47 3.43
CA LEU A 768 -19.05 13.44 2.48
C LEU A 768 -18.66 13.84 1.04
N PHE A 769 -17.94 12.95 0.38
CA PHE A 769 -17.62 13.10 -1.02
C PHE A 769 -18.59 12.22 -1.79
N TRP A 770 -19.09 12.72 -2.91
CA TRP A 770 -20.01 11.92 -3.72
C TRP A 770 -19.80 12.21 -5.20
N ASP A 771 -19.56 11.18 -5.98
CA ASP A 771 -19.49 11.35 -7.42
C ASP A 771 -20.20 10.14 -8.01
N ASP A 772 -20.02 9.90 -9.30
CA ASP A 772 -20.68 8.78 -9.98
C ASP A 772 -20.08 7.39 -9.65
N GLY A 773 -18.96 7.35 -8.91
CA GLY A 773 -18.42 6.08 -8.40
C GLY A 773 -17.56 5.28 -9.36
N GLU A 774 -17.42 5.79 -10.58
CA GLU A 774 -16.71 5.04 -11.60
C GLU A 774 -15.98 5.84 -12.67
N THR A 775 -16.38 7.10 -12.92
CA THR A 775 -15.66 7.85 -13.97
C THR A 775 -14.21 8.21 -13.56
N LYS A 776 -13.27 7.99 -14.48
CA LYS A 776 -11.88 8.32 -14.22
C LYS A 776 -11.73 9.84 -14.12
N ASP A 777 -11.01 10.29 -13.10
CA ASP A 777 -10.62 11.70 -12.93
C ASP A 777 -11.79 12.68 -12.74
N THR A 778 -12.85 12.21 -12.07
CA THR A 778 -13.89 13.14 -11.60
C THR A 778 -13.34 14.25 -10.72
N VAL A 779 -12.26 13.98 -9.97
CA VAL A 779 -11.69 14.98 -9.04
C VAL A 779 -10.87 16.03 -9.80
N ALA A 780 -9.97 15.59 -10.67
CA ALA A 780 -9.19 16.50 -11.49
C ALA A 780 -10.12 17.35 -12.38
N ASN A 781 -11.16 16.75 -12.92
CA ASN A 781 -12.13 17.52 -13.72
C ASN A 781 -13.27 18.16 -12.94
N LYS A 782 -13.21 18.07 -11.61
CA LYS A 782 -14.18 18.72 -10.73
C LYS A 782 -15.67 18.41 -10.99
N VAL A 783 -16.01 17.14 -11.19
CA VAL A 783 -17.40 16.70 -11.29
C VAL A 783 -17.72 15.88 -10.05
N TYR A 784 -17.96 16.57 -8.94
CA TYR A 784 -18.28 15.91 -7.68
C TYR A 784 -19.03 16.78 -6.69
N LEU A 785 -19.61 16.13 -5.68
CA LEU A 785 -20.21 16.81 -4.56
C LEU A 785 -19.30 16.63 -3.35
N LEU A 786 -19.10 17.70 -2.58
CA LEU A 786 -18.43 17.62 -1.29
C LEU A 786 -19.19 18.46 -0.30
N CYS A 787 -19.66 17.83 0.76
CA CYS A 787 -20.28 18.56 1.83
C CYS A 787 -19.64 18.35 3.20
N GLU A 788 -19.90 19.31 4.10
CA GLU A 788 -19.40 19.27 5.47
C GLU A 788 -20.61 19.25 6.40
N PHE A 789 -20.47 18.48 7.48
CA PHE A 789 -21.43 18.44 8.54
C PHE A 789 -20.69 19.02 9.74
N SER A 790 -21.32 19.95 10.44
CA SER A 790 -20.82 20.37 11.72
C SER A 790 -21.94 20.52 12.71
N VAL A 791 -21.71 20.00 13.90
CA VAL A 791 -22.62 20.06 15.02
C VAL A 791 -21.99 20.92 16.12
N THR A 792 -22.79 21.86 16.63
CA THR A 792 -22.51 22.60 17.85
C THR A 792 -23.67 22.30 18.78
N GLN A 793 -23.69 22.95 19.95
CA GLN A 793 -24.81 22.73 20.84
C GLN A 793 -26.08 23.21 20.12
N ASN A 794 -27.10 22.35 20.17
CA ASN A 794 -28.43 22.65 19.62
C ASN A 794 -28.56 22.75 18.07
N ARG A 795 -27.52 22.36 17.32
CA ARG A 795 -27.53 22.69 15.91
C ARG A 795 -26.66 21.77 15.04
N LEU A 796 -27.23 21.28 13.94
CA LEU A 796 -26.46 20.63 12.88
C LEU A 796 -26.56 21.45 11.59
N GLU A 797 -25.42 21.73 10.97
CA GLU A 797 -25.33 22.39 9.66
C GLU A 797 -24.85 21.41 8.61
N VAL A 798 -25.59 21.31 7.52
CA VAL A 798 -25.13 20.65 6.33
C VAL A 798 -24.80 21.75 5.32
N ASN A 799 -23.57 21.71 4.82
CA ASN A 799 -22.92 22.78 4.14
C ASN A 799 -22.28 22.22 2.87
N ILE A 800 -22.40 22.90 1.74
CA ILE A 800 -21.90 22.34 0.47
C ILE A 800 -20.70 23.12 -0.02
N SER A 801 -19.56 22.47 -0.25
CA SER A 801 -18.40 23.20 -0.73
C SER A 801 -18.12 23.07 -2.25
N GLN A 802 -18.29 21.88 -2.80
CA GLN A 802 -18.14 21.66 -4.22
C GLN A 802 -19.45 21.02 -4.61
N SER A 803 -20.02 21.46 -5.71
CA SER A 803 -21.35 21.01 -6.09
C SER A 803 -21.49 20.84 -7.59
N THR A 804 -20.72 19.96 -8.17
CA THR A 804 -20.83 19.80 -9.61
C THR A 804 -21.24 18.40 -10.01
N TYR A 805 -21.90 17.68 -9.11
CA TYR A 805 -22.49 16.40 -9.41
C TYR A 805 -23.77 16.27 -8.62
N LYS A 806 -24.87 16.05 -9.33
CA LYS A 806 -26.13 15.76 -8.68
C LYS A 806 -26.50 14.34 -9.06
N ASP A 807 -26.50 13.43 -8.08
CA ASP A 807 -26.81 12.03 -8.31
C ASP A 807 -28.27 11.92 -8.82
N PRO A 808 -28.49 11.27 -9.99
CA PRO A 808 -29.86 11.20 -10.59
C PRO A 808 -30.86 10.37 -9.80
N ASN A 809 -30.38 9.59 -8.83
CA ASN A 809 -31.23 8.71 -8.04
C ASN A 809 -31.96 9.39 -6.89
N ASN A 810 -31.96 10.71 -6.82
CA ASN A 810 -32.79 11.41 -5.80
C ASN A 810 -32.46 10.95 -4.36
N LEU A 811 -31.17 11.04 -3.98
CA LEU A 811 -30.72 10.52 -2.68
C LEU A 811 -30.98 11.52 -1.54
N ALA A 812 -31.17 11.01 -0.31
CA ALA A 812 -31.46 11.87 0.82
C ALA A 812 -31.09 11.22 2.14
N PHE A 813 -30.69 12.03 3.10
CA PHE A 813 -30.53 11.57 4.47
C PHE A 813 -31.92 11.39 5.09
N ASN A 814 -32.23 10.19 5.60
CA ASN A 814 -33.54 9.90 6.20
C ASN A 814 -33.42 9.51 7.67
N GLU A 815 -32.19 9.48 8.21
CA GLU A 815 -31.97 9.11 9.62
C GLU A 815 -30.69 9.74 10.12
N ILE A 816 -30.71 10.21 11.37
CA ILE A 816 -29.55 10.78 12.05
C ILE A 816 -29.49 10.16 13.45
N LYS A 817 -28.38 9.51 13.77
CA LYS A 817 -28.19 8.96 15.11
C LYS A 817 -27.19 9.85 15.85
N ILE A 818 -27.57 10.33 17.04
CA ILE A 818 -26.70 11.20 17.81
C ILE A 818 -26.27 10.46 19.07
N LEU A 819 -24.96 10.25 19.19
CA LEU A 819 -24.41 9.60 20.37
C LEU A 819 -23.89 10.62 21.38
N GLY A 820 -24.03 10.31 22.67
CA GLY A 820 -23.49 11.16 23.75
C GLY A 820 -24.25 12.44 23.93
N THR A 821 -25.57 12.37 23.79
CA THR A 821 -26.40 13.57 23.75
C THR A 821 -27.45 13.50 24.86
N GLU A 822 -27.81 14.67 25.36
CA GLU A 822 -28.99 14.83 26.17
C GLU A 822 -30.21 14.80 25.23
N GLU A 823 -31.40 14.56 25.78
CA GLU A 823 -32.60 14.45 24.94
C GLU A 823 -32.83 15.67 24.06
N PRO A 824 -32.76 15.51 22.72
CA PRO A 824 -33.10 16.64 21.86
C PRO A 824 -34.62 16.75 21.69
N SER A 825 -35.15 17.95 21.80
CA SER A 825 -36.60 18.14 21.58
C SER A 825 -36.91 19.28 20.65
N ASN A 826 -38.14 19.25 20.12
CA ASN A 826 -38.63 20.23 19.17
C ASN A 826 -37.67 20.38 18.00
N VAL A 827 -37.40 19.28 17.31
CA VAL A 827 -36.43 19.28 16.21
C VAL A 827 -37.02 19.99 14.99
N THR A 828 -36.22 20.90 14.46
CA THR A 828 -36.63 21.78 13.38
C THR A 828 -35.64 21.58 12.26
N VAL A 829 -36.11 21.66 11.02
CA VAL A 829 -35.26 21.52 9.83
C VAL A 829 -35.48 22.72 8.93
N LYS A 830 -34.42 23.46 8.63
CA LYS A 830 -34.51 24.58 7.72
C LYS A 830 -33.68 24.30 6.48
N HIS A 831 -34.20 24.67 5.32
CA HIS A 831 -33.54 24.46 4.04
C HIS A 831 -33.23 25.80 3.35
N ASN A 832 -31.94 26.14 3.28
CA ASN A 832 -31.50 27.48 2.86
C ASN A 832 -32.29 28.59 3.54
N GLY A 833 -32.49 28.45 4.85
CA GLY A 833 -33.17 29.45 5.64
C GLY A 833 -34.61 29.14 5.94
N VAL A 834 -35.34 28.63 4.94
CA VAL A 834 -36.80 28.40 5.04
C VAL A 834 -37.11 27.22 5.96
N PRO A 835 -37.92 27.45 7.03
CA PRO A 835 -38.42 26.35 7.87
C PRO A 835 -39.18 25.27 7.11
N SER A 836 -39.44 24.16 7.80
CA SER A 836 -40.14 22.99 7.26
C SER A 836 -39.37 22.34 6.12
N THR A 838 -40.97 19.32 8.10
CA THR A 838 -41.87 19.94 9.09
C THR A 838 -41.46 19.61 10.53
N SER A 839 -41.83 18.42 11.02
CA SER A 839 -41.33 17.99 12.33
C SER A 839 -40.92 16.50 12.39
N PRO A 840 -39.60 16.24 12.41
CA PRO A 840 -39.05 14.91 12.46
C PRO A 840 -39.42 14.16 13.74
N THR A 841 -39.37 12.83 13.68
CA THR A 841 -39.56 11.98 14.86
C THR A 841 -38.23 11.81 15.57
N VAL A 842 -38.25 11.84 16.89
CA VAL A 842 -37.05 11.55 17.68
C VAL A 842 -37.37 10.44 18.63
N THR A 843 -36.51 9.44 18.62
CA THR A 843 -36.55 8.37 19.62
C THR A 843 -35.32 8.58 20.52
N TYR A 844 -35.51 8.49 21.83
CA TYR A 844 -34.44 8.77 22.75
C TYR A 844 -34.32 7.71 23.84
N ASP A 845 -33.07 7.32 24.11
CA ASP A 845 -32.72 6.30 25.08
C ASP A 845 -31.92 7.02 26.15
N SER A 846 -32.54 7.34 27.29
CA SER A 846 -31.87 8.16 28.30
C SER A 846 -30.75 7.43 29.01
N ASN A 847 -30.81 6.10 29.05
CA ASN A 847 -29.75 5.25 29.56
C ASN A 847 -28.43 5.34 28.74
N LEU A 848 -28.56 5.26 27.42
CA LEU A 848 -27.41 5.18 26.52
C LEU A 848 -27.00 6.54 25.99
N LYS A 849 -27.86 7.54 26.20
CA LYS A 849 -27.64 8.88 25.68
C LYS A 849 -27.65 8.94 24.13
N VAL A 850 -28.49 8.09 23.53
CA VAL A 850 -28.68 8.00 22.07
C VAL A 850 -30.02 8.59 21.63
N ALA A 851 -29.99 9.51 20.67
CA ALA A 851 -31.18 10.02 20.00
C ALA A 851 -31.11 9.56 18.57
N ILE A 852 -32.24 9.12 18.02
CA ILE A 852 -32.32 8.78 16.61
C ILE A 852 -33.44 9.60 16.04
N ILE A 853 -33.14 10.38 15.01
CA ILE A 853 -34.09 11.25 14.37
C ILE A 853 -34.48 10.60 13.06
N THR A 854 -35.78 10.37 12.87
CA THR A 854 -36.31 9.75 11.64
C THR A 854 -37.40 10.65 11.06
N ASP A 855 -38.01 10.22 9.95
CA ASP A 855 -39.04 11.00 9.27
C ASP A 855 -38.45 12.34 8.86
N ILE A 856 -37.26 12.30 8.29
CA ILE A 856 -36.55 13.50 7.88
C ILE A 856 -36.14 13.23 6.46
N ASP A 857 -35.97 14.26 5.66
CA ASP A 857 -35.66 14.10 4.27
C ASP A 857 -34.70 15.23 3.90
N LEU A 858 -33.41 15.05 4.15
CA LEU A 858 -32.39 16.04 3.72
C LEU A 858 -31.78 15.61 2.40
N LEU A 859 -32.16 16.29 1.32
CA LEU A 859 -31.67 15.91 0.03
C LEU A 859 -30.16 16.06 -0.06
N LEU A 860 -29.53 15.10 -0.72
CA LEU A 860 -28.09 15.11 -0.88
C LEU A 860 -27.73 16.26 -1.78
N GLY A 861 -26.79 17.08 -1.32
CA GLY A 861 -26.27 18.17 -2.14
C GLY A 861 -26.97 19.49 -1.88
N GLU A 862 -27.84 19.49 -0.86
CA GLU A 862 -28.57 20.68 -0.40
C GLU A 862 -28.14 21.09 1.02
N ALA A 863 -28.08 22.40 1.25
CA ALA A 863 -27.71 22.96 2.54
C ALA A 863 -28.94 22.93 3.45
N TYR A 864 -28.74 22.47 4.68
CA TYR A 864 -29.77 22.40 5.73
C TYR A 864 -29.18 22.81 7.05
N THR A 865 -30.07 23.32 7.94
CA THR A 865 -29.78 23.50 9.34
C THR A 865 -30.83 22.71 10.10
N VAL A 866 -30.40 21.91 11.07
CA VAL A 866 -31.29 21.09 11.90
C VAL A 866 -31.05 21.54 13.32
N GLU A 867 -32.12 21.88 14.03
CA GLU A 867 -32.01 22.54 15.34
C GLU A 867 -32.90 21.88 16.37
N TRP A 868 -32.46 21.91 17.63
CA TRP A 868 -33.22 21.30 18.72
C TRP A 868 -33.01 22.04 20.04
N ALA A 869 -34.00 21.92 20.93
CA ALA A 869 -33.87 22.37 22.32
C ALA A 869 -33.49 21.21 23.22
N HIS A 870 -33.05 21.52 24.44
CA HIS A 870 -32.81 20.50 25.44
C HIS A 870 -33.83 20.61 26.59
#